data_7ZZR
#
_entry.id   7ZZR
#
_cell.length_a   91.991
_cell.length_b   97.700
_cell.length_c   138.849
_cell.angle_alpha   90.000
_cell.angle_beta   90.000
_cell.angle_gamma   90.000
#
_symmetry.space_group_name_H-M   'P 21 21 21'
#
loop_
_entity.id
_entity.type
_entity.pdbx_description
1 polymer 'Histone deacetylase 2'
2 non-polymer 'ZINC ION'
3 non-polymer 'CALCIUM ION'
4 non-polymer 'SODIUM ION'
5 non-polymer 1,2-ETHANEDIOL
6 non-polymer [(2~{R})-1-(dimethylamino)-1-oxidanylidene-4-phenyl-butan-2-yl]azanium
7 non-polymer '2-[N-CYCLOHEXYLAMINO]ETHANE SULFONIC ACID'
8 non-polymer 'TETRAETHYLENE GLYCOL'
9 non-polymer DI(HYDROXYETHYL)ETHER
10 water water
#
_entity_poly.entity_id   1
_entity_poly.type   'polypeptide(L)'
_entity_poly.pdbx_seq_one_letter_code
;MAYSQGGGKKKVCYYYDGDIGNYYYGQGHPMKPHRIRMTHNLLLNYGLYRKMEIYRPHKATAEEMTKYHSDEYIKFLRSI
RPDNMSEYSKQMQRFNVGEDCPVFDGLFEFCQLSTGGSVAGAVKLNRQQTDMAVNWAGGLHHAKKSEASGFCYVNDIVLA
ILELLKYHQRVLYIDIDIHHGDGVEEAFYTTDRVMTVSFHKYGEYFPGTGDLRDIGAGKGKYYAVNFPMRDGIDDESYGQ
IFKPIISKVMEMYQPSAVVLQCGADSLSGDRLGCFNLTVKGHAKCVEVVKTFNLPLLMLGGGGYTIRNVARCWTYETAVA
LDCEIPNELPYNDYFEYFGPDFKLHISPSNMTNQNTPEYMEKIKQRLFENLRMLPHAPGVQMQAIPEDAVHEDSGDEDGE
DPDKRISIRASDKRIACDEEFSDSEDEGEGGRRNVADHKKGAKKARIEEDKKETEDKKTDVKEEDKSKDNSGEKTDTKGT
KSEQLSNPGSSGHHHHHH
;
_entity_poly.pdbx_strand_id   A,B,C
#
# COMPACT_ATOMS: atom_id res chain seq x y z
N GLY A 7 48.81 7.62 -0.89
CA GLY A 7 47.67 8.13 -1.64
C GLY A 7 46.68 8.95 -0.81
N GLY A 8 46.96 9.11 0.47
CA GLY A 8 46.14 9.92 1.33
C GLY A 8 45.05 9.10 2.01
N LYS A 9 44.52 9.62 3.12
CA LYS A 9 43.20 9.21 3.56
C LYS A 9 42.16 9.68 2.55
N LYS A 10 41.11 8.92 2.41
CA LYS A 10 40.12 9.14 1.37
C LYS A 10 38.75 9.53 2.03
N LYS A 11 37.89 10.30 1.31
CA LYS A 11 36.54 10.57 1.83
C LYS A 11 35.68 9.30 1.66
N VAL A 12 34.94 8.94 2.69
CA VAL A 12 34.09 7.74 2.67
C VAL A 12 32.68 8.21 2.99
N CYS A 13 31.75 7.87 2.09
CA CYS A 13 30.32 8.01 2.28
C CYS A 13 29.72 6.64 2.44
N TYR A 14 28.92 6.46 3.49
CA TYR A 14 28.42 5.19 3.92
C TYR A 14 26.88 5.20 3.90
N TYR A 15 26.27 4.19 3.30
CA TYR A 15 24.84 4.10 3.10
C TYR A 15 24.19 3.10 4.03
N TYR A 16 23.18 3.54 4.85
CA TYR A 16 22.49 2.62 5.77
C TYR A 16 21.09 3.09 6.10
N ASP A 17 20.09 2.19 6.07
CA ASP A 17 18.75 2.45 6.56
C ASP A 17 18.45 1.57 7.78
N GLY A 18 18.02 2.17 8.87
CA GLY A 18 17.71 1.48 10.11
C GLY A 18 16.60 0.44 10.01
N ASP A 19 15.71 0.53 9.00
CA ASP A 19 14.72 -0.50 8.73
C ASP A 19 15.25 -1.79 8.19
N ILE A 20 16.45 -1.79 7.64
CA ILE A 20 16.94 -2.90 6.83
C ILE A 20 16.95 -4.22 7.61
N GLY A 21 17.43 -4.14 8.84
CA GLY A 21 17.53 -5.28 9.73
C GLY A 21 16.22 -5.92 10.10
N ASN A 22 15.10 -5.28 9.78
CA ASN A 22 13.77 -5.76 10.11
C ASN A 22 13.13 -6.65 9.02
N TYR A 23 13.72 -6.69 7.80
CA TYR A 23 13.28 -7.60 6.76
C TYR A 23 13.75 -9.00 7.09
N TYR A 24 12.84 -9.98 6.94
CA TYR A 24 13.02 -11.31 7.45
C TYR A 24 12.66 -12.30 6.37
N TYR A 25 13.67 -13.07 5.90
CA TYR A 25 13.46 -14.06 4.84
C TYR A 25 12.62 -15.26 5.24
N GLY A 26 12.43 -15.49 6.51
CA GLY A 26 11.61 -16.57 7.00
C GLY A 26 12.36 -17.50 7.93
N GLN A 27 11.61 -18.35 8.63
CA GLN A 27 12.19 -19.30 9.59
C GLN A 27 13.14 -20.27 8.87
N GLY A 28 14.35 -20.38 9.37
CA GLY A 28 15.33 -21.30 8.80
C GLY A 28 16.12 -20.74 7.64
N HIS A 29 15.69 -19.59 7.05
CA HIS A 29 16.37 -19.09 5.86
C HIS A 29 17.72 -18.48 6.34
N PRO A 30 18.85 -18.93 5.77
CA PRO A 30 20.16 -18.45 6.25
C PRO A 30 20.47 -16.98 6.02
N MET A 31 19.78 -16.31 5.08
CA MET A 31 20.00 -14.90 4.81
C MET A 31 19.29 -14.05 5.87
N LYS A 32 20.10 -13.27 6.63
CA LYS A 32 19.66 -12.53 7.81
C LYS A 32 20.03 -11.07 7.66
N PRO A 33 19.15 -10.23 7.09
CA PRO A 33 19.45 -8.77 6.98
C PRO A 33 19.86 -8.06 8.24
N HIS A 34 19.51 -8.61 9.41
CA HIS A 34 19.89 -8.13 10.75
C HIS A 34 21.41 -8.05 10.94
N ARG A 35 22.18 -8.91 10.22
CA ARG A 35 23.64 -8.79 10.23
C ARG A 35 24.10 -7.37 9.76
N ILE A 36 23.30 -6.68 8.91
CA ILE A 36 23.68 -5.35 8.45
C ILE A 36 23.54 -4.34 9.60
N ARG A 37 22.45 -4.46 10.38
CA ARG A 37 22.26 -3.72 11.61
C ARG A 37 23.33 -3.99 12.68
N MET A 38 23.70 -5.28 12.89
CA MET A 38 24.80 -5.65 13.78
C MET A 38 26.09 -4.97 13.38
N THR A 39 26.39 -4.96 12.05
CA THR A 39 27.55 -4.28 11.47
C THR A 39 27.52 -2.80 11.82
N HIS A 40 26.38 -2.09 11.48
CA HIS A 40 26.24 -0.65 11.76
C HIS A 40 26.45 -0.31 13.23
N ASN A 41 25.80 -1.08 14.12
CA ASN A 41 25.91 -0.83 15.56
C ASN A 41 27.34 -1.03 16.06
N LEU A 42 28.01 -2.07 15.53
CA LEU A 42 29.38 -2.27 15.93
C LEU A 42 30.30 -1.12 15.50
N LEU A 43 30.19 -0.67 14.25
CA LEU A 43 31.08 0.37 13.77
C LEU A 43 30.69 1.73 14.40
N LEU A 44 29.38 1.97 14.75
CA LEU A 44 29.02 3.14 15.58
C LEU A 44 29.76 3.10 16.91
N ASN A 45 29.77 1.96 17.59
CA ASN A 45 30.40 1.84 18.90
C ASN A 45 31.92 1.86 18.90
N TYR A 46 32.55 1.61 17.74
CA TYR A 46 33.97 1.86 17.55
C TYR A 46 34.29 3.36 17.31
N GLY A 47 33.28 4.21 17.11
CA GLY A 47 33.44 5.63 16.88
C GLY A 47 33.65 6.00 15.42
N LEU A 48 33.45 5.07 14.48
CA LEU A 48 33.80 5.31 13.08
C LEU A 48 32.85 6.29 12.35
N TYR A 49 31.67 6.55 12.90
CA TYR A 49 30.81 7.64 12.39
C TYR A 49 31.48 9.01 12.42
N ARG A 50 32.51 9.19 13.25
CA ARG A 50 33.21 10.47 13.35
C ARG A 50 34.02 10.78 12.09
N LYS A 51 34.37 9.77 11.30
CA LYS A 51 35.32 9.86 10.19
C LYS A 51 34.66 9.71 8.82
N MET A 52 33.33 9.59 8.75
CA MET A 52 32.65 9.41 7.49
C MET A 52 31.28 10.00 7.48
N GLU A 53 30.78 10.28 6.28
CA GLU A 53 29.44 10.78 6.10
C GLU A 53 28.53 9.58 6.03
N ILE A 54 27.50 9.52 6.88
CA ILE A 54 26.53 8.45 6.93
C ILE A 54 25.27 8.98 6.30
N TYR A 55 24.76 8.29 5.25
CA TYR A 55 23.55 8.65 4.49
C TYR A 55 22.56 7.56 4.58
N ARG A 56 21.30 7.97 4.64
CA ARG A 56 20.17 7.08 4.55
C ARG A 56 19.78 7.06 3.11
N PRO A 57 19.92 5.94 2.41
CA PRO A 57 19.70 5.97 0.96
C PRO A 57 18.20 6.13 0.64
N HIS A 58 17.87 6.63 -0.57
CA HIS A 58 16.46 6.59 -1.05
C HIS A 58 16.02 5.14 -1.34
N LYS A 59 14.68 4.88 -1.27
CA LYS A 59 14.07 3.69 -1.87
C LYS A 59 14.17 3.85 -3.41
N ALA A 60 15.02 3.06 -4.11
CA ALA A 60 15.09 3.00 -5.58
C ALA A 60 13.70 2.70 -6.18
N THR A 61 13.28 3.44 -7.23
CA THR A 61 11.98 3.25 -7.81
C THR A 61 12.05 2.11 -8.84
N ALA A 62 10.87 1.64 -9.29
CA ALA A 62 10.72 0.67 -10.36
C ALA A 62 11.35 1.13 -11.64
N GLU A 63 11.29 2.41 -11.96
CA GLU A 63 11.99 2.96 -13.12
C GLU A 63 13.48 2.71 -13.03
N GLU A 64 14.11 3.00 -11.85
CA GLU A 64 15.54 2.85 -11.63
C GLU A 64 15.91 1.38 -11.83
N MET A 65 15.09 0.47 -11.30
CA MET A 65 15.39 -0.95 -11.39
C MET A 65 15.32 -1.44 -12.84
N THR A 66 14.42 -0.84 -13.66
CA THR A 66 14.20 -1.29 -15.04
C THR A 66 15.22 -0.72 -16.08
N LYS A 67 16.22 0.02 -15.60
CA LYS A 67 17.45 0.24 -16.36
C LYS A 67 18.14 -1.09 -16.71
N TYR A 68 17.96 -2.14 -15.88
CA TYR A 68 18.46 -3.45 -16.18
C TYR A 68 17.35 -4.48 -16.20
N HIS A 69 16.56 -4.55 -15.12
CA HIS A 69 15.56 -5.59 -15.04
C HIS A 69 14.38 -5.32 -15.98
N SER A 70 13.70 -6.39 -16.37
CA SER A 70 12.53 -6.24 -17.23
C SER A 70 11.38 -5.64 -16.44
N ASP A 71 10.52 -4.90 -17.11
CA ASP A 71 9.33 -4.29 -16.50
C ASP A 71 8.44 -5.32 -15.86
N GLU A 72 8.24 -6.45 -16.51
CA GLU A 72 7.37 -7.49 -16.03
C GLU A 72 7.85 -8.10 -14.74
N TYR A 73 9.18 -8.34 -14.65
CA TYR A 73 9.78 -8.85 -13.43
C TYR A 73 9.66 -7.85 -12.28
N ILE A 74 9.98 -6.56 -12.53
CA ILE A 74 9.85 -5.55 -11.46
C ILE A 74 8.38 -5.34 -11.04
N LYS A 75 7.47 -5.34 -11.97
CA LYS A 75 6.01 -5.30 -11.70
C LYS A 75 5.59 -6.42 -10.78
N PHE A 76 6.10 -7.66 -11.04
CA PHE A 76 5.81 -8.80 -10.15
C PHE A 76 6.37 -8.52 -8.76
N LEU A 77 7.69 -8.23 -8.63
CA LEU A 77 8.29 -8.00 -7.32
C LEU A 77 7.53 -6.93 -6.49
N ARG A 78 6.98 -5.96 -7.21
CA ARG A 78 6.24 -4.84 -6.69
C ARG A 78 4.85 -5.21 -6.22
N SER A 79 4.30 -6.28 -6.75
CA SER A 79 2.94 -6.71 -6.45
C SER A 79 2.93 -7.93 -5.48
N ILE A 80 3.89 -8.87 -5.56
CA ILE A 80 3.82 -10.15 -4.83
C ILE A 80 3.87 -9.88 -3.35
N ARG A 81 2.97 -10.49 -2.58
CA ARG A 81 2.91 -10.44 -1.11
C ARG A 81 2.56 -11.87 -0.60
N PRO A 82 2.88 -12.23 0.65
CA PRO A 82 2.46 -13.54 1.17
C PRO A 82 0.95 -13.79 1.06
N ASP A 83 0.14 -12.75 1.24
CA ASP A 83 -1.32 -12.84 1.19
C ASP A 83 -1.91 -13.02 -0.22
N ASN A 84 -1.16 -12.82 -1.30
CA ASN A 84 -1.65 -13.06 -2.67
C ASN A 84 -0.82 -14.04 -3.49
N MET A 85 0.15 -14.73 -2.84
CA MET A 85 1.05 -15.70 -3.49
C MET A 85 0.31 -16.73 -4.30
N SER A 86 -0.81 -17.21 -3.76
CA SER A 86 -1.75 -18.15 -4.40
C SER A 86 -2.18 -17.68 -5.81
N GLU A 87 -2.46 -16.39 -5.99
CA GLU A 87 -2.83 -15.85 -7.30
C GLU A 87 -1.66 -15.85 -8.29
N TYR A 88 -0.40 -16.02 -7.83
CA TYR A 88 0.79 -15.71 -8.62
C TYR A 88 1.71 -16.96 -8.81
N SER A 89 1.18 -18.18 -8.64
CA SER A 89 2.02 -19.37 -8.64
C SER A 89 2.82 -19.54 -9.92
N LYS A 90 2.21 -19.19 -11.07
CA LYS A 90 2.86 -19.30 -12.37
C LYS A 90 3.96 -18.26 -12.52
N GLN A 91 3.69 -16.98 -12.10
CA GLN A 91 4.67 -15.87 -12.15
C GLN A 91 5.85 -16.15 -11.21
N MET A 92 5.54 -16.70 -10.04
CA MET A 92 6.54 -17.09 -9.06
C MET A 92 7.54 -18.10 -9.63
N GLN A 93 7.08 -19.15 -10.29
CA GLN A 93 7.98 -20.14 -10.85
C GLN A 93 8.83 -19.53 -11.95
N ARG A 94 8.19 -18.73 -12.83
CA ARG A 94 8.87 -18.06 -13.94
C ARG A 94 10.04 -17.15 -13.49
N PHE A 95 9.77 -16.40 -12.40
CA PHE A 95 10.69 -15.41 -11.85
C PHE A 95 11.59 -15.99 -10.72
N ASN A 96 11.47 -17.29 -10.47
CA ASN A 96 12.20 -18.05 -9.48
C ASN A 96 12.02 -17.47 -8.05
N VAL A 97 10.79 -17.13 -7.69
CA VAL A 97 10.47 -16.58 -6.39
C VAL A 97 9.54 -17.54 -5.67
N GLY A 98 9.84 -17.87 -4.42
CA GLY A 98 8.98 -18.72 -3.59
C GLY A 98 9.68 -19.87 -2.88
N GLU A 99 10.95 -20.17 -3.18
CA GLU A 99 11.70 -21.18 -2.42
C GLU A 99 13.00 -20.57 -1.85
N ASP A 100 14.18 -20.69 -2.54
CA ASP A 100 15.41 -20.03 -2.09
C ASP A 100 15.26 -18.52 -2.00
N CYS A 101 14.42 -17.93 -2.87
CA CYS A 101 14.15 -16.52 -2.92
C CYS A 101 12.70 -16.31 -2.54
N PRO A 102 12.40 -16.38 -1.22
CA PRO A 102 11.02 -16.38 -0.79
C PRO A 102 10.30 -15.07 -0.95
N VAL A 103 8.98 -15.14 -0.86
CA VAL A 103 8.12 -13.97 -0.69
C VAL A 103 8.12 -13.73 0.83
N PHE A 104 8.53 -12.55 1.22
CA PHE A 104 8.43 -12.10 2.60
C PHE A 104 7.82 -10.73 2.65
N ASP A 105 7.28 -10.34 3.82
CA ASP A 105 6.72 -8.98 4.04
C ASP A 105 7.78 -7.93 3.81
N GLY A 106 7.45 -6.92 3.02
CA GLY A 106 8.36 -5.86 2.67
C GLY A 106 9.46 -6.21 1.70
N LEU A 107 9.33 -7.35 0.95
CA LEU A 107 10.33 -7.79 -0.02
C LEU A 107 10.78 -6.65 -0.96
N PHE A 108 9.82 -5.93 -1.56
CA PHE A 108 10.13 -4.90 -2.52
C PHE A 108 10.86 -3.73 -1.87
N GLU A 109 10.44 -3.27 -0.67
CA GLU A 109 11.12 -2.21 0.02
C GLU A 109 12.57 -2.60 0.37
N PHE A 110 12.79 -3.86 0.81
CA PHE A 110 14.16 -4.36 1.01
C PHE A 110 15.01 -4.21 -0.29
N CYS A 111 14.45 -4.60 -1.42
CA CYS A 111 15.06 -4.41 -2.74
C CYS A 111 15.37 -2.94 -2.98
N GLN A 112 14.38 -2.06 -2.66
CA GLN A 112 14.54 -0.63 -2.92
C GLN A 112 15.62 -0.02 -2.08
N LEU A 113 15.80 -0.47 -0.84
CA LEU A 113 16.80 0.12 0.07
C LEU A 113 18.17 -0.45 -0.20
N SER A 114 18.26 -1.78 -0.46
CA SER A 114 19.48 -2.41 -0.92
C SER A 114 20.01 -1.75 -2.21
N THR A 115 19.14 -1.59 -3.21
CA THR A 115 19.45 -0.95 -4.50
C THR A 115 19.78 0.54 -4.34
N GLY A 116 19.01 1.24 -3.51
CA GLY A 116 19.15 2.68 -3.34
C GLY A 116 20.48 3.08 -2.80
N GLY A 117 21.03 2.26 -1.89
CA GLY A 117 22.37 2.50 -1.38
C GLY A 117 23.44 2.42 -2.44
N SER A 118 23.36 1.44 -3.31
CA SER A 118 24.38 1.20 -4.30
C SER A 118 24.35 2.25 -5.41
N VAL A 119 23.15 2.60 -5.85
CA VAL A 119 22.96 3.63 -6.87
C VAL A 119 23.28 5.01 -6.32
N ALA A 120 22.86 5.32 -5.08
CA ALA A 120 23.24 6.58 -4.44
C ALA A 120 24.73 6.70 -4.28
N GLY A 121 25.39 5.60 -3.93
CA GLY A 121 26.85 5.54 -3.83
C GLY A 121 27.51 5.83 -5.16
N ALA A 122 27.04 5.21 -6.23
CA ALA A 122 27.54 5.43 -7.58
C ALA A 122 27.38 6.87 -8.03
N VAL A 123 26.21 7.52 -7.74
CA VAL A 123 25.99 8.92 -8.06
C VAL A 123 27.01 9.81 -7.35
N LYS A 124 27.21 9.57 -6.08
CA LYS A 124 28.13 10.37 -5.28
C LYS A 124 29.59 10.28 -5.82
N LEU A 125 29.97 9.09 -6.29
CA LEU A 125 31.28 8.89 -6.92
C LEU A 125 31.37 9.60 -8.27
N ASN A 126 30.34 9.50 -9.09
CA ASN A 126 30.23 10.25 -10.34
C ASN A 126 30.37 11.75 -10.21
N ARG A 127 29.69 12.33 -9.17
CA ARG A 127 29.78 13.74 -8.86
C ARG A 127 31.10 14.14 -8.23
N GLN A 128 32.03 13.19 -8.02
CA GLN A 128 33.31 13.44 -7.34
C GLN A 128 33.13 14.09 -5.99
N GLN A 129 32.01 13.78 -5.30
CA GLN A 129 31.78 14.20 -3.92
C GLN A 129 32.30 13.18 -2.87
N THR A 130 32.86 12.05 -3.32
CA THR A 130 33.50 11.07 -2.43
C THR A 130 34.51 10.28 -3.19
N ASP A 131 35.46 9.69 -2.44
CA ASP A 131 36.43 8.74 -3.01
C ASP A 131 35.95 7.30 -2.93
N MET A 132 35.27 6.97 -1.82
CA MET A 132 34.65 5.70 -1.58
C MET A 132 33.24 5.84 -1.11
N ALA A 133 32.40 4.91 -1.52
CA ALA A 133 31.04 4.76 -1.06
C ALA A 133 30.87 3.34 -0.61
N VAL A 134 30.18 3.14 0.51
CA VAL A 134 29.97 1.82 1.12
C VAL A 134 28.48 1.55 1.21
N ASN A 135 28.03 0.38 0.81
CA ASN A 135 26.67 -0.09 0.97
C ASN A 135 26.69 -1.58 1.35
N TRP A 136 26.70 -1.87 2.67
CA TRP A 136 26.72 -3.25 3.11
C TRP A 136 25.44 -4.01 2.89
N ALA A 137 24.31 -3.31 2.64
CA ALA A 137 23.03 -3.93 2.20
C ALA A 137 22.99 -4.34 0.73
N GLY A 138 23.98 -3.95 -0.05
CA GLY A 138 24.10 -4.28 -1.46
C GLY A 138 24.98 -5.51 -1.69
N GLY A 139 25.48 -5.66 -2.92
CA GLY A 139 26.25 -6.80 -3.35
C GLY A 139 25.47 -8.03 -3.74
N LEU A 140 24.28 -7.84 -4.30
CA LEU A 140 23.37 -8.98 -4.53
C LEU A 140 23.54 -9.51 -5.91
N HIS A 141 24.71 -10.14 -6.05
CA HIS A 141 25.29 -10.42 -7.34
C HIS A 141 24.58 -11.41 -8.24
N HIS A 142 23.67 -12.26 -7.70
CA HIS A 142 23.03 -13.37 -8.43
C HIS A 142 21.80 -12.95 -9.21
N ALA A 143 21.17 -11.82 -8.87
CA ALA A 143 19.94 -11.41 -9.57
C ALA A 143 20.11 -11.18 -11.09
N LYS A 144 19.19 -11.73 -11.87
CA LYS A 144 19.22 -11.66 -13.32
C LYS A 144 18.15 -10.69 -13.80
N LYS A 145 18.23 -10.32 -15.08
CA LYS A 145 17.35 -9.37 -15.73
C LYS A 145 15.87 -9.62 -15.40
N SER A 146 15.42 -10.89 -15.51
CA SER A 146 14.02 -11.28 -15.26
C SER A 146 13.90 -12.48 -14.32
N GLU A 147 14.83 -12.65 -13.39
CA GLU A 147 14.80 -13.81 -12.49
C GLU A 147 15.53 -13.49 -11.17
N ALA A 148 14.89 -13.77 -10.03
CA ALA A 148 15.53 -13.90 -8.72
C ALA A 148 16.45 -15.09 -8.69
N SER A 149 17.51 -15.03 -7.89
CA SER A 149 18.43 -16.16 -7.75
C SER A 149 19.29 -15.99 -6.50
N GLY A 150 19.59 -17.10 -5.79
CA GLY A 150 20.55 -17.09 -4.70
C GLY A 150 20.31 -16.02 -3.66
N PHE A 151 19.04 -15.89 -3.22
CA PHE A 151 18.59 -14.95 -2.21
C PHE A 151 18.54 -13.50 -2.71
N CYS A 152 18.86 -13.26 -4.01
CA CYS A 152 18.94 -11.95 -4.66
C CYS A 152 17.76 -11.76 -5.54
N TYR A 153 17.12 -10.59 -5.48
CA TYR A 153 15.99 -10.26 -6.36
C TYR A 153 16.35 -9.14 -7.31
N VAL A 154 16.99 -8.05 -6.77
CA VAL A 154 17.36 -6.92 -7.61
C VAL A 154 18.86 -6.79 -7.61
N ASN A 155 19.46 -6.67 -8.81
CA ASN A 155 20.89 -6.62 -8.92
C ASN A 155 21.32 -5.16 -8.78
N ASP A 156 21.46 -4.73 -7.53
CA ASP A 156 21.95 -3.39 -7.17
C ASP A 156 23.34 -3.07 -7.77
N ILE A 157 24.14 -4.12 -7.99
CA ILE A 157 25.48 -4.01 -8.46
C ILE A 157 25.43 -3.58 -9.92
N VAL A 158 24.67 -4.27 -10.76
CA VAL A 158 24.52 -3.97 -12.16
C VAL A 158 23.96 -2.56 -12.33
N LEU A 159 23.02 -2.16 -11.47
CA LEU A 159 22.39 -0.88 -11.55
C LEU A 159 23.39 0.20 -11.21
N ALA A 160 24.19 -0.03 -10.13
CA ALA A 160 25.24 0.91 -9.73
C ALA A 160 26.29 1.03 -10.81
N ILE A 161 26.65 -0.07 -11.47
CA ILE A 161 27.66 -0.03 -12.53
C ILE A 161 27.10 0.74 -13.73
N LEU A 162 25.84 0.50 -14.12
CA LEU A 162 25.19 1.28 -15.17
C LEU A 162 25.21 2.79 -14.88
N GLU A 163 25.06 3.18 -13.59
CA GLU A 163 25.17 4.58 -13.16
C GLU A 163 26.60 5.08 -13.40
N LEU A 164 27.59 4.31 -12.92
CA LEU A 164 29.00 4.63 -13.12
C LEU A 164 29.36 4.79 -14.60
N LEU A 165 28.80 3.96 -15.47
CA LEU A 165 29.08 3.99 -16.89
C LEU A 165 28.61 5.27 -17.61
N LYS A 166 27.81 6.11 -16.96
CA LYS A 166 27.48 7.42 -17.48
C LYS A 166 28.67 8.39 -17.51
N TYR A 167 29.62 8.31 -16.56
CA TYR A 167 30.81 9.15 -16.49
C TYR A 167 32.15 8.38 -16.60
N HIS A 168 32.14 7.05 -16.67
CA HIS A 168 33.36 6.21 -16.69
C HIS A 168 33.33 5.29 -17.91
N GLN A 169 34.31 5.40 -18.78
CA GLN A 169 34.39 4.55 -19.99
C GLN A 169 34.56 3.08 -19.64
N ARG A 170 35.38 2.79 -18.59
CA ARG A 170 35.70 1.43 -18.15
C ARG A 170 35.52 1.30 -16.65
N VAL A 171 34.65 0.33 -16.24
CA VAL A 171 34.42 0.00 -14.83
C VAL A 171 34.85 -1.41 -14.52
N LEU A 172 35.64 -1.57 -13.43
CA LEU A 172 36.11 -2.87 -12.97
C LEU A 172 35.28 -3.37 -11.76
N TYR A 173 34.74 -4.58 -11.88
CA TYR A 173 34.01 -5.23 -10.80
C TYR A 173 34.84 -6.39 -10.26
N ILE A 174 34.95 -6.51 -8.95
CA ILE A 174 35.75 -7.53 -8.28
C ILE A 174 34.85 -8.17 -7.23
N ASP A 175 34.80 -9.52 -7.22
CA ASP A 175 33.88 -10.28 -6.42
C ASP A 175 34.69 -11.22 -5.54
N ILE A 176 34.73 -10.96 -4.21
CA ILE A 176 35.40 -11.84 -3.25
C ILE A 176 34.45 -12.60 -2.36
N ASP A 177 33.13 -12.47 -2.57
CA ASP A 177 32.14 -13.49 -2.12
C ASP A 177 32.59 -14.90 -2.53
N ILE A 178 32.30 -15.91 -1.71
CA ILE A 178 32.67 -17.29 -2.07
C ILE A 178 31.95 -17.79 -3.33
N HIS A 179 30.79 -17.18 -3.66
CA HIS A 179 30.05 -17.57 -4.82
C HIS A 179 30.44 -16.72 -6.01
N HIS A 180 30.31 -17.30 -7.19
CA HIS A 180 30.62 -16.63 -8.44
C HIS A 180 29.60 -15.47 -8.65
N GLY A 181 30.09 -14.34 -9.13
CA GLY A 181 29.26 -13.18 -9.39
C GLY A 181 28.65 -13.31 -10.77
N ASP A 182 27.73 -14.29 -10.90
CA ASP A 182 27.17 -14.68 -12.18
C ASP A 182 26.22 -13.66 -12.81
N GLY A 183 25.41 -12.99 -11.99
CA GLY A 183 24.48 -12.01 -12.50
C GLY A 183 25.15 -10.78 -13.06
N VAL A 184 26.25 -10.38 -12.43
CA VAL A 184 27.03 -9.24 -12.85
C VAL A 184 27.79 -9.61 -14.11
N GLU A 185 28.43 -10.76 -14.11
CA GLU A 185 29.14 -11.29 -15.27
C GLU A 185 28.22 -11.38 -16.50
N GLU A 186 27.02 -11.92 -16.32
CA GLU A 186 26.06 -12.11 -17.37
C GLU A 186 25.64 -10.79 -17.96
N ALA A 187 25.34 -9.79 -17.09
CA ALA A 187 24.86 -8.48 -17.54
C ALA A 187 25.86 -7.85 -18.48
N PHE A 188 27.19 -8.01 -18.15
CA PHE A 188 28.25 -7.34 -18.85
C PHE A 188 29.13 -8.26 -19.69
N TYR A 189 28.62 -9.44 -20.05
CA TYR A 189 29.45 -10.47 -20.68
C TYR A 189 29.94 -10.11 -22.07
N THR A 190 29.13 -9.28 -22.81
CA THR A 190 29.50 -8.95 -24.17
C THR A 190 30.01 -7.54 -24.29
N THR A 191 30.42 -6.88 -23.20
CA THR A 191 30.99 -5.53 -23.26
C THR A 191 32.36 -5.49 -22.65
N ASP A 192 33.25 -4.71 -23.27
CA ASP A 192 34.55 -4.38 -22.72
C ASP A 192 34.50 -3.15 -21.79
N ARG A 193 33.35 -2.50 -21.63
CA ARG A 193 33.20 -1.38 -20.71
C ARG A 193 33.03 -1.77 -19.25
N VAL A 194 32.76 -3.04 -18.96
CA VAL A 194 32.87 -3.57 -17.60
C VAL A 194 33.68 -4.87 -17.69
N MET A 195 34.73 -4.95 -16.88
CA MET A 195 35.47 -6.16 -16.67
C MET A 195 35.02 -6.71 -15.32
N THR A 196 34.64 -7.98 -15.30
CA THR A 196 34.18 -8.61 -14.09
C THR A 196 35.26 -9.59 -13.68
N VAL A 197 35.66 -9.55 -12.41
CA VAL A 197 36.69 -10.44 -11.89
C VAL A 197 36.11 -11.11 -10.64
N SER A 198 35.95 -12.43 -10.63
CA SER A 198 35.36 -13.14 -9.54
C SER A 198 36.28 -14.27 -9.11
N PHE A 199 36.53 -14.37 -7.79
CA PHE A 199 37.19 -15.47 -7.10
C PHE A 199 36.09 -16.19 -6.34
N HIS A 200 36.05 -17.50 -6.40
CA HIS A 200 34.94 -18.27 -5.88
C HIS A 200 35.30 -19.75 -5.84
N LYS A 201 34.69 -20.46 -4.91
CA LYS A 201 34.64 -21.89 -4.99
C LYS A 201 33.84 -22.33 -6.23
N TYR A 202 34.36 -23.34 -6.88
CA TYR A 202 33.84 -23.92 -8.10
C TYR A 202 33.91 -25.44 -7.93
N GLY A 203 32.84 -26.12 -8.31
CA GLY A 203 32.69 -27.58 -8.25
C GLY A 203 31.62 -27.99 -7.26
N GLU A 204 30.48 -28.46 -7.75
CA GLU A 204 29.38 -28.95 -6.88
C GLU A 204 28.94 -27.83 -5.94
N TYR A 205 28.78 -26.61 -6.49
CA TYR A 205 28.60 -25.45 -5.66
C TYR A 205 27.85 -24.39 -6.43
N PHE A 206 26.86 -23.77 -5.75
CA PHE A 206 26.04 -22.72 -6.31
C PHE A 206 26.93 -21.54 -6.80
N PRO A 207 26.61 -20.87 -7.94
CA PRO A 207 25.59 -21.17 -8.96
C PRO A 207 25.95 -22.19 -10.04
N GLY A 208 27.14 -22.78 -10.00
CA GLY A 208 27.55 -23.73 -11.03
C GLY A 208 28.32 -23.10 -12.19
N THR A 209 28.54 -21.81 -12.16
CA THR A 209 29.17 -21.04 -13.22
C THR A 209 30.55 -20.53 -12.71
N GLY A 210 31.29 -19.80 -13.55
CA GLY A 210 32.57 -19.26 -13.14
C GLY A 210 33.73 -20.17 -13.33
N ASP A 211 33.61 -21.09 -14.35
CA ASP A 211 34.75 -21.80 -14.89
C ASP A 211 35.83 -20.79 -15.32
N LEU A 212 37.08 -21.13 -15.11
CA LEU A 212 38.27 -20.49 -15.67
C LEU A 212 38.07 -20.11 -17.18
N ARG A 213 37.47 -21.02 -17.95
CA ARG A 213 37.30 -20.86 -19.37
C ARG A 213 36.18 -19.92 -19.79
N ASP A 214 35.42 -19.38 -18.82
CA ASP A 214 34.39 -18.40 -19.11
C ASP A 214 35.10 -17.04 -19.08
N ILE A 215 35.30 -16.46 -20.30
CA ILE A 215 36.11 -15.26 -20.44
C ILE A 215 35.38 -14.07 -21.10
N GLY A 216 34.08 -14.16 -21.32
CA GLY A 216 33.35 -13.16 -22.07
C GLY A 216 33.12 -13.56 -23.50
N ALA A 217 32.26 -12.79 -24.22
CA ALA A 217 31.94 -13.03 -25.61
C ALA A 217 31.83 -11.72 -26.37
N GLY A 218 32.08 -11.75 -27.68
CA GLY A 218 31.98 -10.57 -28.53
C GLY A 218 33.02 -9.54 -28.14
N LYS A 219 32.61 -8.26 -28.04
CA LYS A 219 33.50 -7.21 -27.50
C LYS A 219 33.97 -7.48 -26.08
N GLY A 220 33.24 -8.27 -25.33
CA GLY A 220 33.58 -8.60 -23.95
C GLY A 220 34.48 -9.79 -23.76
N LYS A 221 34.96 -10.39 -24.87
CA LYS A 221 35.89 -11.51 -24.78
C LYS A 221 37.22 -11.03 -24.17
N TYR A 222 37.66 -11.75 -23.14
CA TYR A 222 38.79 -11.45 -22.28
C TYR A 222 38.43 -10.42 -21.15
N TYR A 223 37.17 -9.98 -21.06
CA TYR A 223 36.74 -9.04 -20.02
C TYR A 223 35.89 -9.67 -18.93
N ALA A 224 35.74 -10.98 -18.91
CA ALA A 224 35.32 -11.70 -17.73
C ALA A 224 36.47 -12.57 -17.26
N VAL A 225 36.78 -12.54 -15.96
CA VAL A 225 37.89 -13.29 -15.35
C VAL A 225 37.35 -14.02 -14.17
N ASN A 226 37.60 -15.35 -14.14
CA ASN A 226 37.14 -16.22 -13.07
C ASN A 226 38.31 -17.03 -12.48
N PHE A 227 38.50 -17.00 -11.15
CA PHE A 227 39.50 -17.79 -10.45
C PHE A 227 38.74 -18.85 -9.65
N PRO A 228 38.56 -20.07 -10.23
CA PRO A 228 37.86 -21.12 -9.48
C PRO A 228 38.74 -21.68 -8.39
N MET A 229 38.17 -22.02 -7.21
CA MET A 229 38.91 -22.50 -6.07
C MET A 229 38.25 -23.70 -5.45
N ARG A 230 38.97 -24.39 -4.60
CA ARG A 230 38.52 -25.52 -3.84
C ARG A 230 38.32 -25.12 -2.40
N ASP A 231 37.77 -26.02 -1.56
CA ASP A 231 37.62 -25.79 -0.14
C ASP A 231 38.93 -25.45 0.51
N GLY A 232 38.87 -24.58 1.54
CA GLY A 232 39.90 -24.44 2.56
C GLY A 232 40.97 -23.42 2.28
N ILE A 233 40.74 -22.53 1.23
CA ILE A 233 41.70 -21.46 0.90
C ILE A 233 41.94 -20.59 2.09
N ASP A 234 43.20 -20.24 2.35
CA ASP A 234 43.57 -19.49 3.52
C ASP A 234 44.11 -18.10 3.13
N ASP A 235 44.45 -17.27 4.13
CA ASP A 235 44.86 -15.89 3.91
C ASP A 235 46.09 -15.81 3.04
N GLU A 236 47.06 -16.67 3.29
CA GLU A 236 48.31 -16.66 2.54
C GLU A 236 48.09 -17.00 1.04
N SER A 237 47.35 -18.07 0.76
CA SER A 237 47.09 -18.54 -0.60
C SER A 237 46.21 -17.55 -1.36
N TYR A 238 45.20 -16.98 -0.69
CA TYR A 238 44.34 -15.99 -1.32
C TYR A 238 45.17 -14.71 -1.62
N GLY A 239 46.02 -14.30 -0.68
CA GLY A 239 46.80 -13.09 -0.77
C GLY A 239 47.88 -13.10 -1.84
N GLN A 240 48.44 -14.27 -2.07
CA GLN A 240 49.43 -14.54 -3.10
C GLN A 240 48.90 -14.47 -4.52
N ILE A 241 47.58 -14.63 -4.74
CA ILE A 241 46.99 -14.47 -6.05
C ILE A 241 46.15 -13.20 -6.19
N PHE A 242 45.50 -12.68 -5.13
CA PHE A 242 44.61 -11.52 -5.30
C PHE A 242 45.43 -10.27 -5.77
N LYS A 243 46.53 -9.95 -5.09
CA LYS A 243 47.31 -8.77 -5.49
C LYS A 243 47.93 -8.91 -6.90
N PRO A 244 48.65 -10.00 -7.24
CA PRO A 244 49.16 -10.11 -8.62
C PRO A 244 48.08 -10.01 -9.72
N ILE A 245 46.89 -10.61 -9.48
CA ILE A 245 45.83 -10.63 -10.49
CA ILE A 245 45.87 -10.62 -10.51
C ILE A 245 45.24 -9.25 -10.67
N ILE A 246 44.94 -8.60 -9.56
CA ILE A 246 44.31 -7.29 -9.60
C ILE A 246 45.27 -6.26 -10.13
N SER A 247 46.54 -6.32 -9.74
CA SER A 247 47.56 -5.46 -10.32
C SER A 247 47.63 -5.59 -11.84
N LYS A 248 47.62 -6.84 -12.38
CA LYS A 248 47.69 -7.07 -13.85
C LYS A 248 46.40 -6.59 -14.52
N VAL A 249 45.23 -6.84 -13.90
CA VAL A 249 43.95 -6.31 -14.38
C VAL A 249 44.01 -4.77 -14.46
N MET A 250 44.46 -4.12 -13.40
CA MET A 250 44.55 -2.66 -13.37
C MET A 250 45.46 -2.14 -14.49
N GLU A 251 46.63 -2.78 -14.67
CA GLU A 251 47.63 -2.40 -15.68
C GLU A 251 47.03 -2.49 -17.07
N MET A 252 46.38 -3.61 -17.37
CA MET A 252 45.88 -3.90 -18.69
C MET A 252 44.59 -3.17 -18.97
N TYR A 253 43.65 -3.19 -18.00
CA TYR A 253 42.32 -2.65 -18.21
C TYR A 253 42.20 -1.17 -17.96
N GLN A 254 42.95 -0.64 -16.99
CA GLN A 254 42.93 0.80 -16.68
C GLN A 254 41.51 1.35 -16.47
N PRO A 255 40.79 0.78 -15.48
CA PRO A 255 39.47 1.30 -15.16
C PRO A 255 39.58 2.70 -14.53
N SER A 256 38.51 3.49 -14.66
CA SER A 256 38.42 4.76 -13.95
C SER A 256 37.53 4.71 -12.70
N ALA A 257 36.79 3.56 -12.49
CA ALA A 257 36.02 3.32 -11.28
C ALA A 257 35.99 1.84 -11.00
N VAL A 258 35.87 1.48 -9.71
CA VAL A 258 35.91 0.11 -9.22
C VAL A 258 34.71 -0.13 -8.33
N VAL A 259 34.07 -1.31 -8.48
CA VAL A 259 33.05 -1.86 -7.57
C VAL A 259 33.63 -3.14 -6.97
N LEU A 260 33.66 -3.24 -5.62
CA LEU A 260 34.20 -4.39 -4.90
C LEU A 260 33.06 -4.98 -4.07
N GLN A 261 32.64 -6.21 -4.42
CA GLN A 261 31.64 -6.95 -3.67
C GLN A 261 32.47 -7.72 -2.58
N CYS A 262 32.11 -7.50 -1.29
CA CYS A 262 32.87 -7.95 -0.16
C CYS A 262 32.12 -9.02 0.59
N GLY A 263 31.47 -9.93 -0.10
CA GLY A 263 30.70 -11.00 0.52
C GLY A 263 31.54 -11.76 1.53
N ALA A 264 31.04 -11.85 2.78
CA ALA A 264 31.79 -12.38 3.91
C ALA A 264 31.58 -13.88 4.08
N ASP A 265 30.95 -14.59 3.10
CA ASP A 265 30.82 -16.04 3.15
C ASP A 265 32.10 -16.78 2.72
N SER A 266 33.14 -16.03 2.32
CA SER A 266 34.53 -16.51 2.10
C SER A 266 35.35 -16.56 3.38
N LEU A 267 34.76 -16.17 4.54
CA LEU A 267 35.41 -16.31 5.83
C LEU A 267 35.30 -17.73 6.36
N SER A 268 36.35 -18.11 7.11
CA SER A 268 36.42 -19.29 7.99
C SER A 268 35.17 -19.37 8.89
N GLY A 269 34.55 -20.52 8.91
CA GLY A 269 33.43 -20.81 9.79
C GLY A 269 32.11 -20.28 9.32
N ASP A 270 31.99 -19.92 8.05
CA ASP A 270 30.74 -19.49 7.51
C ASP A 270 29.80 -20.72 7.42
N ARG A 271 28.54 -20.52 7.75
CA ARG A 271 27.55 -21.59 7.78
C ARG A 271 27.38 -22.27 6.42
N LEU A 272 27.46 -21.47 5.33
CA LEU A 272 27.32 -22.00 3.98
C LEU A 272 28.62 -22.11 3.22
N GLY A 273 29.63 -21.36 3.58
CA GLY A 273 30.90 -21.39 2.88
C GLY A 273 31.88 -22.45 3.39
N CYS A 274 32.93 -22.68 2.63
CA CYS A 274 33.93 -23.72 2.81
C CYS A 274 35.35 -23.16 2.64
N PHE A 275 35.55 -21.83 2.82
CA PHE A 275 36.87 -21.22 2.74
C PHE A 275 37.42 -21.04 4.17
N ASN A 276 38.68 -20.59 4.28
CA ASN A 276 39.33 -20.44 5.57
C ASN A 276 40.03 -19.11 5.77
N LEU A 277 39.43 -18.05 5.27
CA LEU A 277 39.98 -16.71 5.41
C LEU A 277 39.64 -16.13 6.75
N THR A 278 40.53 -15.32 7.29
CA THR A 278 40.21 -14.51 8.45
C THR A 278 39.67 -13.13 7.98
N VAL A 279 39.22 -12.31 8.90
CA VAL A 279 38.78 -10.96 8.61
C VAL A 279 39.98 -10.14 8.05
N LYS A 280 41.22 -10.35 8.55
CA LYS A 280 42.38 -9.67 7.98
C LYS A 280 42.66 -10.12 6.57
N GLY A 281 42.56 -11.41 6.31
CA GLY A 281 42.74 -11.94 4.97
C GLY A 281 41.72 -11.41 3.99
N HIS A 282 40.46 -11.35 4.40
CA HIS A 282 39.39 -10.80 3.58
C HIS A 282 39.68 -9.33 3.28
N ALA A 283 39.94 -8.54 4.36
CA ALA A 283 40.13 -7.10 4.28
C ALA A 283 41.36 -6.68 3.50
N LYS A 284 42.37 -7.54 3.39
CA LYS A 284 43.54 -7.28 2.60
C LYS A 284 43.20 -7.00 1.12
N CYS A 285 42.10 -7.59 0.63
CA CYS A 285 41.55 -7.32 -0.70
C CYS A 285 41.11 -5.86 -0.82
N VAL A 286 40.43 -5.33 0.21
CA VAL A 286 40.02 -3.92 0.25
C VAL A 286 41.27 -3.04 0.24
N GLU A 287 42.28 -3.37 1.07
CA GLU A 287 43.55 -2.62 1.07
C GLU A 287 44.20 -2.61 -0.30
N VAL A 288 44.32 -3.79 -0.95
CA VAL A 288 44.91 -3.88 -2.29
C VAL A 288 44.16 -2.98 -3.31
N VAL A 289 42.85 -3.08 -3.36
CA VAL A 289 42.07 -2.30 -4.31
C VAL A 289 42.21 -0.80 -4.03
N LYS A 290 42.12 -0.41 -2.73
CA LYS A 290 42.44 0.97 -2.27
C LYS A 290 43.77 1.58 -2.73
N THR A 291 44.81 0.78 -2.98
CA THR A 291 46.11 1.38 -3.35
C THR A 291 46.07 2.03 -4.75
N PHE A 292 45.17 1.60 -5.65
CA PHE A 292 45.08 2.18 -7.00
C PHE A 292 44.45 3.57 -7.06
N ASN A 293 43.84 4.06 -5.94
CA ASN A 293 43.30 5.41 -5.83
C ASN A 293 42.30 5.70 -6.93
N LEU A 294 41.38 4.77 -7.14
CA LEU A 294 40.29 4.97 -8.07
C LEU A 294 39.03 5.10 -7.30
N PRO A 295 38.04 5.87 -7.80
CA PRO A 295 36.71 5.86 -7.17
C PRO A 295 36.22 4.43 -6.90
N LEU A 296 35.80 4.13 -5.68
CA LEU A 296 35.54 2.78 -5.25
C LEU A 296 34.20 2.65 -4.54
N LEU A 297 33.31 1.79 -5.05
CA LEU A 297 32.07 1.43 -4.39
C LEU A 297 32.28 0.07 -3.75
N MET A 298 32.19 0.00 -2.42
CA MET A 298 32.25 -1.23 -1.64
C MET A 298 30.85 -1.71 -1.23
N LEU A 299 30.52 -2.94 -1.63
CA LEU A 299 29.23 -3.55 -1.39
C LEU A 299 29.35 -4.76 -0.47
N GLY A 300 28.23 -5.15 0.12
CA GLY A 300 28.15 -6.37 0.88
C GLY A 300 27.98 -7.58 -0.03
N GLY A 301 27.23 -8.56 0.44
CA GLY A 301 27.12 -9.84 -0.24
C GLY A 301 26.63 -10.89 0.72
N GLY A 302 27.04 -12.11 0.46
CA GLY A 302 26.73 -13.20 1.37
C GLY A 302 27.46 -13.07 2.68
N GLY A 303 27.30 -14.10 3.51
CA GLY A 303 27.80 -14.20 4.87
C GLY A 303 26.71 -14.61 5.84
N TYR A 304 26.95 -15.76 6.53
CA TYR A 304 25.91 -16.55 7.22
C TYR A 304 26.25 -16.88 8.66
N THR A 305 27.50 -16.70 9.09
CA THR A 305 27.84 -16.64 10.53
C THR A 305 27.86 -15.15 10.88
N ILE A 306 26.77 -14.65 11.46
CA ILE A 306 26.47 -13.20 11.36
C ILE A 306 27.37 -12.37 12.28
N ARG A 307 27.84 -12.96 13.41
CA ARG A 307 28.90 -12.32 14.19
C ARG A 307 30.18 -12.07 13.35
N ASN A 308 30.56 -12.99 12.46
CA ASN A 308 31.74 -12.80 11.63
C ASN A 308 31.53 -11.81 10.48
N VAL A 309 30.31 -11.78 9.93
CA VAL A 309 29.90 -10.79 8.96
C VAL A 309 30.05 -9.36 9.54
N ALA A 310 29.52 -9.13 10.76
CA ALA A 310 29.61 -7.82 11.42
C ALA A 310 31.07 -7.44 11.72
N ARG A 311 31.89 -8.41 12.15
CA ARG A 311 33.31 -8.16 12.37
C ARG A 311 33.99 -7.72 11.05
N CYS A 312 33.70 -8.45 9.97
CA CYS A 312 34.36 -8.30 8.68
C CYS A 312 34.09 -6.96 8.09
N TRP A 313 32.81 -6.57 8.04
CA TRP A 313 32.43 -5.34 7.40
C TRP A 313 32.73 -4.13 8.28
N THR A 314 32.76 -4.28 9.61
CA THR A 314 33.28 -3.22 10.49
C THR A 314 34.76 -2.97 10.19
N TYR A 315 35.58 -4.02 10.17
CA TYR A 315 37.02 -3.84 9.93
C TYR A 315 37.28 -3.25 8.56
N GLU A 316 36.50 -3.63 7.54
CA GLU A 316 36.67 -3.12 6.18
C GLU A 316 36.19 -1.68 6.02
N THR A 317 35.24 -1.22 6.88
CA THR A 317 34.93 0.20 6.99
C THR A 317 36.15 0.93 7.59
N ALA A 318 36.73 0.41 8.67
CA ALA A 318 37.95 0.94 9.25
C ALA A 318 39.09 1.03 8.23
N VAL A 319 39.29 -0.02 7.42
CA VAL A 319 40.27 -0.03 6.35
C VAL A 319 39.98 1.08 5.35
N ALA A 320 38.72 1.20 4.84
CA ALA A 320 38.31 2.29 3.94
C ALA A 320 38.67 3.65 4.53
N LEU A 321 38.53 3.78 5.87
CA LEU A 321 38.82 5.01 6.59
C LEU A 321 40.28 5.16 7.02
N ASP A 322 41.11 4.15 6.86
CA ASP A 322 42.49 4.17 7.31
C ASP A 322 42.59 4.41 8.81
N CYS A 323 41.75 3.70 9.53
CA CYS A 323 41.57 3.91 10.95
C CYS A 323 41.80 2.59 11.65
N GLU A 324 42.81 2.54 12.51
CA GLU A 324 43.08 1.33 13.28
C GLU A 324 42.01 1.22 14.32
N ILE A 325 41.47 -0.01 14.54
CA ILE A 325 40.52 -0.19 15.63
C ILE A 325 41.03 -1.33 16.51
N PRO A 326 40.78 -1.25 17.84
CA PRO A 326 41.24 -2.34 18.72
C PRO A 326 40.57 -3.68 18.47
N ASN A 327 41.28 -4.74 18.77
CA ASN A 327 40.75 -6.08 18.71
C ASN A 327 39.68 -6.27 19.81
N GLU A 328 39.81 -5.58 20.94
CA GLU A 328 38.82 -5.60 22.02
C GLU A 328 37.58 -4.96 21.50
N LEU A 329 36.52 -5.77 21.31
CA LEU A 329 35.27 -5.22 20.82
C LEU A 329 34.65 -4.26 21.84
N PRO A 330 34.14 -3.12 21.37
CA PRO A 330 33.44 -2.22 22.27
C PRO A 330 32.10 -2.84 22.61
N TYR A 331 31.53 -2.42 23.73
CA TYR A 331 30.17 -2.78 24.06
C TYR A 331 29.23 -2.29 22.95
N ASN A 332 28.15 -3.01 22.74
CA ASN A 332 27.26 -2.76 21.62
C ASN A 332 25.98 -3.52 21.82
N ASP A 333 24.92 -3.19 21.08
CA ASP A 333 23.61 -3.80 21.27
C ASP A 333 23.59 -5.31 21.08
N TYR A 334 24.65 -5.89 20.51
CA TYR A 334 24.70 -7.32 20.15
C TYR A 334 25.88 -8.00 20.73
N PHE A 335 26.39 -7.49 21.84
CA PHE A 335 27.68 -7.89 22.40
C PHE A 335 27.76 -9.41 22.61
N GLU A 336 26.73 -10.01 23.15
CA GLU A 336 26.66 -11.45 23.42
C GLU A 336 26.83 -12.33 22.21
N TYR A 337 26.56 -11.78 21.01
CA TYR A 337 26.74 -12.54 19.77
C TYR A 337 28.21 -12.81 19.50
N PHE A 338 29.14 -12.05 20.11
CA PHE A 338 30.56 -12.10 19.85
C PHE A 338 31.37 -12.93 20.85
N GLY A 339 30.70 -13.64 21.74
CA GLY A 339 31.33 -14.59 22.62
C GLY A 339 31.87 -15.77 21.84
N PRO A 340 32.70 -16.59 22.48
CA PRO A 340 33.19 -16.46 23.87
C PRO A 340 34.30 -15.44 24.07
N ASP A 341 34.84 -14.86 22.97
CA ASP A 341 36.09 -14.07 22.97
C ASP A 341 35.88 -12.55 23.03
N PHE A 342 34.82 -12.04 22.42
CA PHE A 342 34.52 -10.62 22.34
C PHE A 342 35.67 -9.83 21.67
N LYS A 343 36.30 -10.45 20.63
CA LYS A 343 37.33 -9.84 19.80
C LYS A 343 36.80 -9.56 18.39
N LEU A 344 37.44 -8.62 17.70
CA LEU A 344 37.10 -8.31 16.32
C LEU A 344 37.62 -9.39 15.35
N HIS A 345 38.85 -9.83 15.55
CA HIS A 345 39.53 -10.71 14.62
C HIS A 345 39.26 -12.14 14.91
N ILE A 346 39.28 -12.97 13.86
CA ILE A 346 38.99 -14.40 13.99
C ILE A 346 40.20 -15.25 13.61
N SER A 347 40.19 -16.48 14.10
CA SER A 347 41.23 -17.45 13.77
C SER A 347 40.76 -18.34 12.68
N PRO A 348 41.69 -18.82 11.83
CA PRO A 348 41.32 -19.84 10.87
C PRO A 348 41.10 -21.19 11.56
N SER A 349 40.42 -22.09 10.88
CA SER A 349 40.23 -23.43 11.35
C SER A 349 41.37 -24.34 10.90
N ASN A 350 41.36 -25.60 11.38
CA ASN A 350 42.33 -26.64 10.99
C ASN A 350 41.95 -27.37 9.70
N MET A 351 40.98 -26.83 8.92
CA MET A 351 40.53 -27.50 7.71
C MET A 351 41.61 -27.49 6.67
N THR A 352 41.60 -28.50 5.82
CA THR A 352 42.61 -28.70 4.82
C THR A 352 42.43 -27.66 3.73
N ASN A 353 43.50 -27.02 3.31
CA ASN A 353 43.50 -26.21 2.11
C ASN A 353 43.61 -27.13 0.89
N GLN A 354 42.50 -27.34 0.15
CA GLN A 354 42.58 -28.18 -1.05
C GLN A 354 43.20 -27.46 -2.27
N ASN A 355 43.52 -26.17 -2.10
CA ASN A 355 44.14 -25.28 -3.10
C ASN A 355 45.61 -25.28 -2.88
N THR A 356 46.27 -26.18 -3.58
CA THR A 356 47.69 -26.33 -3.48
C THR A 356 48.38 -25.11 -4.01
N PRO A 357 49.61 -24.83 -3.55
CA PRO A 357 50.40 -23.75 -4.18
C PRO A 357 50.59 -23.84 -5.69
N GLU A 358 50.75 -25.06 -6.23
CA GLU A 358 50.90 -25.26 -7.65
C GLU A 358 49.63 -25.00 -8.39
N TYR A 359 48.49 -25.43 -7.83
CA TYR A 359 47.15 -25.15 -8.37
C TYR A 359 46.93 -23.64 -8.50
N MET A 360 47.11 -22.91 -7.39
CA MET A 360 46.93 -21.44 -7.40
C MET A 360 47.86 -20.78 -8.46
N GLU A 361 49.15 -21.17 -8.57
CA GLU A 361 50.04 -20.60 -9.58
C GLU A 361 49.64 -20.93 -11.01
N LYS A 362 49.15 -22.17 -11.23
CA LYS A 362 48.75 -22.55 -12.54
C LYS A 362 47.55 -21.77 -13.01
N ILE A 363 46.54 -21.58 -12.13
CA ILE A 363 45.32 -20.84 -12.53
C ILE A 363 45.72 -19.38 -12.84
N LYS A 364 46.58 -18.83 -11.97
CA LYS A 364 47.16 -17.49 -12.13
C LYS A 364 47.81 -17.30 -13.49
N GLN A 365 48.59 -18.28 -13.92
CA GLN A 365 49.31 -18.16 -15.17
C GLN A 365 48.37 -18.21 -16.37
N ARG A 366 47.33 -19.04 -16.29
CA ARG A 366 46.31 -19.07 -17.33
C ARG A 366 45.56 -17.73 -17.42
N LEU A 367 45.17 -17.18 -16.29
CA LEU A 367 44.55 -15.84 -16.24
C LEU A 367 45.45 -14.77 -16.78
N PHE A 368 46.73 -14.81 -16.45
CA PHE A 368 47.71 -13.90 -17.05
C PHE A 368 47.79 -14.00 -18.59
N GLU A 369 47.68 -15.21 -19.13
CA GLU A 369 47.67 -15.40 -20.59
C GLU A 369 46.47 -14.70 -21.21
N ASN A 370 45.29 -14.83 -20.57
CA ASN A 370 44.08 -14.17 -21.00
C ASN A 370 44.20 -12.64 -20.89
N LEU A 371 44.75 -12.10 -19.79
CA LEU A 371 44.95 -10.67 -19.63
C LEU A 371 45.91 -10.06 -20.68
N ARG A 372 46.90 -10.83 -21.17
N ARG A 372 46.90 -10.85 -21.16
CA ARG A 372 47.75 -10.39 -22.28
CA ARG A 372 47.81 -10.47 -22.27
C ARG A 372 46.97 -10.02 -23.53
C ARG A 372 47.06 -10.19 -23.59
N MET A 373 45.81 -10.66 -23.71
CA MET A 373 44.97 -10.48 -24.88
C MET A 373 44.20 -9.17 -24.90
N LEU A 374 44.22 -8.38 -23.82
CA LEU A 374 43.71 -7.02 -23.88
C LEU A 374 44.64 -6.13 -24.73
N PRO A 375 44.09 -5.09 -25.40
CA PRO A 375 44.96 -4.25 -26.26
C PRO A 375 45.97 -3.39 -25.50
N LYS B 10 3.53 10.40 19.78
CA LYS B 10 3.22 10.41 18.34
C LYS B 10 4.46 10.49 17.42
N LYS B 11 4.37 9.77 16.30
CA LYS B 11 5.51 9.58 15.40
C LYS B 11 5.52 10.56 14.24
N VAL B 12 6.72 11.12 13.91
CA VAL B 12 6.88 12.06 12.82
C VAL B 12 7.95 11.52 11.91
N CYS B 13 7.61 11.43 10.61
CA CYS B 13 8.61 11.21 9.57
C CYS B 13 8.72 12.48 8.73
N TYR B 14 9.91 12.72 8.23
CA TYR B 14 10.31 13.94 7.58
C TYR B 14 11.11 13.61 6.33
N TYR B 15 10.78 14.28 5.17
CA TYR B 15 11.47 14.03 3.87
C TYR B 15 12.31 15.19 3.52
N TYR B 16 13.57 14.92 3.16
CA TYR B 16 14.53 15.93 2.79
C TYR B 16 15.54 15.31 1.89
N ASP B 17 15.83 15.93 0.76
CA ASP B 17 16.98 15.54 -0.05
C ASP B 17 18.04 16.69 -0.01
N GLY B 18 19.26 16.32 0.23
CA GLY B 18 20.37 17.25 0.36
C GLY B 18 20.68 18.05 -0.85
N ASP B 19 20.06 17.78 -1.99
CA ASP B 19 20.25 18.58 -3.19
C ASP B 19 19.16 19.55 -3.45
N ILE B 20 18.04 19.50 -2.69
CA ILE B 20 16.85 20.33 -3.04
C ILE B 20 17.18 21.79 -3.08
N GLY B 21 18.07 22.22 -2.18
CA GLY B 21 18.52 23.60 -2.10
C GLY B 21 19.36 24.07 -3.24
N ASN B 22 19.81 23.16 -4.12
CA ASN B 22 20.68 23.50 -5.26
C ASN B 22 19.93 23.86 -6.53
N TYR B 23 18.61 23.55 -6.61
CA TYR B 23 17.78 23.95 -7.73
C TYR B 23 17.51 25.44 -7.63
N TYR B 24 17.68 26.15 -8.75
CA TYR B 24 17.74 27.58 -8.79
C TYR B 24 16.82 28.07 -9.91
N TYR B 25 15.76 28.80 -9.53
CA TYR B 25 14.78 29.32 -10.47
C TYR B 25 15.31 30.40 -11.39
N GLY B 26 16.43 31.02 -11.05
CA GLY B 26 17.04 32.05 -11.86
C GLY B 26 17.23 33.33 -11.12
N GLN B 27 18.04 34.22 -11.71
CA GLN B 27 18.35 35.53 -11.11
C GLN B 27 17.05 36.35 -10.97
N GLY B 28 16.80 36.84 -9.77
CA GLY B 28 15.63 37.68 -9.50
C GLY B 28 14.35 36.91 -9.22
N HIS B 29 14.34 35.57 -9.43
CA HIS B 29 13.11 34.83 -9.19
C HIS B 29 12.93 34.67 -7.68
N PRO B 30 11.77 35.09 -7.11
CA PRO B 30 11.61 35.05 -5.65
C PRO B 30 11.56 33.68 -5.00
N MET B 31 11.25 32.61 -5.79
CA MET B 31 11.22 31.26 -5.27
C MET B 31 12.62 30.70 -5.13
N LYS B 32 13.01 30.39 -3.87
CA LYS B 32 14.38 30.03 -3.49
C LYS B 32 14.37 28.69 -2.78
N PRO B 33 14.50 27.56 -3.49
CA PRO B 33 14.55 26.24 -2.82
C PRO B 33 15.56 26.08 -1.67
N HIS B 34 16.60 26.92 -1.64
CA HIS B 34 17.63 26.99 -0.58
C HIS B 34 17.03 27.26 0.81
N ARG B 35 15.87 27.94 0.87
CA ARG B 35 15.15 28.09 2.12
C ARG B 35 14.79 26.70 2.76
N ILE B 36 14.63 25.64 1.94
CA ILE B 36 14.33 24.31 2.48
C ILE B 36 15.58 23.75 3.17
N ARG B 37 16.76 23.92 2.57
CA ARG B 37 18.03 23.62 3.19
C ARG B 37 18.33 24.42 4.48
N MET B 38 18.05 25.74 4.49
CA MET B 38 18.16 26.57 5.67
C MET B 38 17.30 26.03 6.79
N THR B 39 16.04 25.61 6.46
CA THR B 39 15.10 24.99 7.38
C THR B 39 15.70 23.71 7.98
N HIS B 40 16.14 22.76 7.12
CA HIS B 40 16.80 21.53 7.51
C HIS B 40 17.98 21.78 8.45
N ASN B 41 18.89 22.64 8.07
CA ASN B 41 20.09 22.92 8.87
C ASN B 41 19.74 23.52 10.21
N LEU B 42 18.73 24.38 10.24
CA LEU B 42 18.31 24.95 11.50
C LEU B 42 17.72 23.88 12.43
N LEU B 43 16.90 22.97 11.86
CA LEU B 43 16.29 21.84 12.58
C LEU B 43 17.28 20.91 13.11
N LEU B 44 18.28 20.60 12.30
CA LEU B 44 19.37 19.77 12.71
C LEU B 44 20.10 20.37 13.92
N ASN B 45 20.40 21.68 13.88
CA ASN B 45 21.12 22.34 14.96
C ASN B 45 20.33 22.56 16.23
N TYR B 46 19.00 22.49 16.15
CA TYR B 46 18.15 22.44 17.33
C TYR B 46 18.10 21.01 17.97
N GLY B 47 18.65 20.01 17.28
CA GLY B 47 18.66 18.62 17.74
C GLY B 47 17.42 17.83 17.40
N LEU B 48 16.53 18.35 16.52
CA LEU B 48 15.26 17.72 16.28
C LEU B 48 15.32 16.42 15.46
N TYR B 49 16.44 16.16 14.79
CA TYR B 49 16.68 14.86 14.16
C TYR B 49 16.65 13.71 15.16
N ARG B 50 16.86 13.96 16.44
CA ARG B 50 16.84 12.93 17.47
C ARG B 50 15.44 12.33 17.70
N LYS B 51 14.39 13.09 17.35
CA LYS B 51 13.00 12.78 17.69
C LYS B 51 12.16 12.38 16.50
N MET B 52 12.76 12.27 15.27
CA MET B 52 12.01 11.92 14.11
C MET B 52 12.83 11.13 13.12
N GLU B 53 12.11 10.39 12.27
CA GLU B 53 12.73 9.65 11.22
C GLU B 53 12.86 10.55 10.02
N ILE B 54 14.04 10.60 9.48
CA ILE B 54 14.34 11.47 8.38
C ILE B 54 14.63 10.53 7.24
N TYR B 55 13.99 10.77 6.13
CA TYR B 55 14.08 9.99 4.92
C TYR B 55 14.49 10.89 3.78
N ARG B 56 15.26 10.39 2.76
CA ARG B 56 15.37 11.04 1.48
C ARG B 56 14.13 10.65 0.63
N PRO B 57 13.47 11.61 -0.01
CA PRO B 57 12.45 11.27 -1.01
C PRO B 57 13.03 10.45 -2.16
N HIS B 58 12.25 9.51 -2.73
CA HIS B 58 12.60 8.98 -4.04
C HIS B 58 12.39 10.09 -5.09
N LYS B 59 12.92 9.89 -6.30
CA LYS B 59 12.49 10.67 -7.48
C LYS B 59 11.20 10.11 -7.99
N ALA B 60 10.10 10.84 -7.79
CA ALA B 60 8.80 10.38 -8.28
C ALA B 60 8.86 10.15 -9.79
N THR B 61 8.27 9.07 -10.19
CA THR B 61 8.31 8.64 -11.57
C THR B 61 7.26 9.41 -12.35
N ALA B 62 7.41 9.43 -13.67
CA ALA B 62 6.34 9.84 -14.58
C ALA B 62 5.04 9.03 -14.37
N GLU B 63 5.14 7.72 -14.06
CA GLU B 63 4.00 6.86 -13.71
C GLU B 63 3.24 7.42 -12.50
N GLU B 64 3.97 7.80 -11.45
CA GLU B 64 3.35 8.45 -10.27
C GLU B 64 2.72 9.76 -10.59
N MET B 65 3.44 10.65 -11.30
CA MET B 65 2.92 11.96 -11.68
C MET B 65 1.69 11.93 -12.59
N THR B 66 1.61 10.95 -13.49
CA THR B 66 0.47 10.87 -14.41
C THR B 66 -0.78 10.22 -13.75
N LYS B 67 -0.77 9.96 -12.44
CA LYS B 67 -1.99 9.68 -11.69
C LYS B 67 -2.92 10.88 -11.63
N TYR B 68 -2.39 12.10 -11.83
CA TYR B 68 -3.20 13.25 -11.99
C TYR B 68 -2.89 13.97 -13.32
N HIS B 69 -1.63 14.27 -13.57
CA HIS B 69 -1.19 15.10 -14.67
C HIS B 69 -1.23 14.36 -15.97
N SER B 70 -1.36 15.08 -17.08
CA SER B 70 -1.39 14.45 -18.40
C SER B 70 -0.02 13.97 -18.81
N ASP B 71 0.01 12.90 -19.61
CA ASP B 71 1.25 12.31 -20.11
C ASP B 71 2.07 13.30 -20.93
N GLU B 72 1.42 14.13 -21.79
CA GLU B 72 2.07 15.08 -22.65
C GLU B 72 2.77 16.16 -21.83
N TYR B 73 2.12 16.62 -20.76
CA TYR B 73 2.67 17.59 -19.84
C TYR B 73 3.87 17.03 -19.06
N ILE B 74 3.84 15.76 -18.62
CA ILE B 74 4.95 15.19 -17.88
C ILE B 74 6.13 14.93 -18.80
N LYS B 75 5.85 14.39 -19.99
CA LYS B 75 6.81 14.21 -21.08
C LYS B 75 7.53 15.53 -21.39
N PHE B 76 6.76 16.62 -21.52
CA PHE B 76 7.30 17.97 -21.70
C PHE B 76 8.25 18.40 -20.58
N LEU B 77 7.80 18.33 -19.30
CA LEU B 77 8.63 18.69 -18.16
C LEU B 77 9.92 17.88 -18.11
N ARG B 78 9.85 16.61 -18.57
CA ARG B 78 10.94 15.64 -18.60
C ARG B 78 11.94 15.94 -19.71
N SER B 79 11.52 16.70 -20.76
CA SER B 79 12.26 16.97 -21.99
C SER B 79 12.87 18.37 -22.04
N ILE B 80 12.16 19.35 -21.49
CA ILE B 80 12.56 20.75 -21.59
C ILE B 80 13.84 21.01 -20.77
N ARG B 81 14.82 21.69 -21.38
CA ARG B 81 16.07 22.12 -20.77
C ARG B 81 16.37 23.55 -21.31
N PRO B 82 17.15 24.37 -20.61
CA PRO B 82 17.53 25.69 -21.16
C PRO B 82 18.16 25.62 -22.54
N ASP B 83 18.97 24.58 -22.80
CA ASP B 83 19.66 24.38 -24.08
C ASP B 83 18.78 23.95 -25.25
N ASN B 84 17.50 23.51 -25.02
CA ASN B 84 16.60 23.18 -26.12
C ASN B 84 15.28 23.96 -26.14
N MET B 85 15.11 25.04 -25.31
CA MET B 85 13.88 25.88 -25.24
C MET B 85 13.47 26.45 -26.55
N SER B 86 14.43 26.76 -27.39
CA SER B 86 14.18 27.17 -28.77
C SER B 86 13.35 26.17 -29.55
N GLU B 87 13.60 24.85 -29.40
CA GLU B 87 12.81 23.82 -30.08
C GLU B 87 11.40 23.69 -29.57
N TYR B 88 11.11 24.17 -28.33
CA TYR B 88 9.90 23.85 -27.59
C TYR B 88 9.02 25.09 -27.29
N SER B 89 9.17 26.20 -28.04
CA SER B 89 8.47 27.44 -27.73
C SER B 89 6.95 27.27 -27.69
N LYS B 90 6.41 26.42 -28.57
CA LYS B 90 4.97 26.15 -28.67
C LYS B 90 4.46 25.40 -27.44
N GLN B 91 5.17 24.32 -27.07
CA GLN B 91 4.84 23.56 -25.89
C GLN B 91 4.99 24.39 -24.61
N MET B 92 6.01 25.20 -24.52
CA MET B 92 6.22 26.09 -23.39
C MET B 92 5.04 27.01 -23.16
N GLN B 93 4.48 27.55 -24.25
CA GLN B 93 3.25 28.34 -24.20
C GLN B 93 2.07 27.51 -23.73
N ARG B 94 1.85 26.31 -24.32
CA ARG B 94 0.73 25.47 -23.95
C ARG B 94 0.74 25.10 -22.46
N PHE B 95 1.94 24.79 -21.94
CA PHE B 95 2.13 24.25 -20.60
C PHE B 95 2.45 25.36 -19.55
N ASN B 96 2.46 26.65 -19.96
CA ASN B 96 2.75 27.85 -19.16
C ASN B 96 4.12 27.77 -18.47
N VAL B 97 5.14 27.34 -19.24
CA VAL B 97 6.50 27.25 -18.74
C VAL B 97 7.39 28.20 -19.53
N GLY B 98 8.19 29.02 -18.83
CA GLY B 98 9.11 29.94 -19.46
C GLY B 98 9.13 31.36 -18.92
N GLU B 99 8.13 31.75 -18.11
CA GLU B 99 8.17 33.08 -17.47
C GLU B 99 8.08 32.95 -15.94
N ASP B 100 6.89 33.05 -15.29
CA ASP B 100 6.74 32.83 -13.83
C ASP B 100 7.22 31.45 -13.42
N CYS B 101 7.05 30.44 -14.32
CA CYS B 101 7.45 29.07 -14.10
C CYS B 101 8.57 28.76 -15.09
N PRO B 102 9.79 29.23 -14.76
CA PRO B 102 10.88 29.13 -15.74
C PRO B 102 11.41 27.74 -15.98
N VAL B 103 12.16 27.61 -17.10
CA VAL B 103 12.98 26.45 -17.37
C VAL B 103 14.28 26.73 -16.61
N PHE B 104 14.65 25.84 -15.72
CA PHE B 104 15.93 25.86 -15.06
C PHE B 104 16.56 24.49 -15.11
N ASP B 105 17.89 24.42 -14.93
CA ASP B 105 18.62 23.14 -14.88
C ASP B 105 18.09 22.29 -13.74
N GLY B 106 17.81 21.04 -14.06
CA GLY B 106 17.29 20.08 -13.10
C GLY B 106 15.86 20.28 -12.71
N LEU B 107 15.05 21.06 -13.52
CA LEU B 107 13.65 21.33 -13.24
C LEU B 107 12.87 20.05 -12.90
N PHE B 108 13.01 19.02 -13.74
CA PHE B 108 12.25 17.77 -13.56
C PHE B 108 12.69 17.04 -12.27
N GLU B 109 13.98 16.96 -11.96
CA GLU B 109 14.45 16.34 -10.72
C GLU B 109 13.90 17.07 -9.51
N PHE B 110 13.88 18.42 -9.54
CA PHE B 110 13.24 19.18 -8.47
C PHE B 110 11.76 18.77 -8.27
N CYS B 111 11.03 18.64 -9.35
CA CYS B 111 9.66 18.13 -9.36
C CYS B 111 9.58 16.75 -8.76
N GLN B 112 10.48 15.88 -9.17
CA GLN B 112 10.52 14.51 -8.70
C GLN B 112 10.76 14.40 -7.16
N LEU B 113 11.65 15.27 -6.62
CA LEU B 113 12.02 15.21 -5.22
C LEU B 113 10.99 15.88 -4.35
N SER B 114 10.42 17.03 -4.83
CA SER B 114 9.28 17.67 -4.23
C SER B 114 8.07 16.72 -4.13
N THR B 115 7.71 16.05 -5.25
CA THR B 115 6.56 15.15 -5.35
C THR B 115 6.82 13.87 -4.55
N GLY B 116 8.02 13.33 -4.68
CA GLY B 116 8.47 12.14 -4.00
C GLY B 116 8.26 12.18 -2.50
N GLY B 117 8.59 13.29 -1.89
CA GLY B 117 8.38 13.47 -0.46
C GLY B 117 6.93 13.39 -0.06
N SER B 118 6.04 14.01 -0.83
CA SER B 118 4.62 14.08 -0.47
C SER B 118 3.93 12.75 -0.63
N VAL B 119 4.24 12.04 -1.73
CA VAL B 119 3.67 10.73 -2.00
C VAL B 119 4.24 9.68 -1.06
N ALA B 120 5.55 9.72 -0.78
CA ALA B 120 6.14 8.82 0.21
C ALA B 120 5.53 9.06 1.60
N GLY B 121 5.28 10.32 1.94
CA GLY B 121 4.62 10.66 3.19
C GLY B 121 3.23 10.10 3.30
N ALA B 122 2.44 10.24 2.23
CA ALA B 122 1.10 9.66 2.14
C ALA B 122 1.10 8.14 2.26
N VAL B 123 2.04 7.46 1.59
CA VAL B 123 2.17 5.98 1.72
C VAL B 123 2.43 5.59 3.18
N LYS B 124 3.34 6.26 3.82
CA LYS B 124 3.75 5.95 5.18
C LYS B 124 2.54 6.13 6.16
N LEU B 125 1.71 7.14 5.92
CA LEU B 125 0.48 7.34 6.68
C LEU B 125 -0.56 6.26 6.41
N ASN B 126 -0.76 5.89 5.16
CA ASN B 126 -1.62 4.77 4.77
C ASN B 126 -1.25 3.45 5.45
N ARG B 127 0.07 3.14 5.48
CA ARG B 127 0.59 1.94 6.15
C ARG B 127 0.56 2.02 7.67
N GLN B 128 0.08 3.13 8.24
CA GLN B 128 0.07 3.36 9.67
C GLN B 128 1.44 3.18 10.30
N GLN B 129 2.50 3.48 9.55
CA GLN B 129 3.87 3.49 10.06
C GLN B 129 4.28 4.88 10.63
N THR B 130 3.39 5.88 10.56
CA THR B 130 3.60 7.19 11.15
C THR B 130 2.28 7.86 11.43
N ASP B 131 2.30 8.81 12.37
CA ASP B 131 1.13 9.66 12.64
C ASP B 131 1.15 10.94 11.84
N MET B 132 2.34 11.50 11.64
CA MET B 132 2.61 12.65 10.82
C MET B 132 3.74 12.42 9.89
N ALA B 133 3.64 12.99 8.68
CA ALA B 133 4.69 13.04 7.68
C ALA B 133 4.85 14.50 7.28
N VAL B 134 6.08 14.93 7.07
CA VAL B 134 6.41 16.32 6.83
C VAL B 134 7.29 16.34 5.55
N ASN B 135 6.91 17.21 4.58
CA ASN B 135 7.63 17.45 3.34
C ASN B 135 7.63 18.95 3.06
N TRP B 136 8.67 19.66 3.55
CA TRP B 136 8.75 21.09 3.33
C TRP B 136 9.07 21.48 1.91
N ALA B 137 9.60 20.55 1.09
CA ALA B 137 9.76 20.74 -0.37
C ALA B 137 8.49 20.63 -1.19
N GLY B 138 7.38 20.19 -0.58
CA GLY B 138 6.07 20.06 -1.20
C GLY B 138 5.19 21.26 -0.99
N GLY B 139 3.91 21.10 -1.21
CA GLY B 139 2.89 22.15 -1.08
C GLY B 139 2.67 23.00 -2.32
N LEU B 140 2.98 22.46 -3.52
CA LEU B 140 2.98 23.26 -4.73
C LEU B 140 1.59 23.31 -5.34
N HIS B 141 0.74 24.08 -4.64
CA HIS B 141 -0.72 24.04 -4.77
C HIS B 141 -1.32 24.59 -6.03
N HIS B 142 -0.57 25.30 -6.86
CA HIS B 142 -1.08 25.93 -8.08
C HIS B 142 -1.01 25.06 -9.32
N ALA B 143 -0.17 24.02 -9.33
CA ALA B 143 -0.03 23.18 -10.53
C ALA B 143 -1.30 22.48 -10.97
N LYS B 144 -1.60 22.55 -12.28
CA LYS B 144 -2.80 22.00 -12.86
C LYS B 144 -2.46 20.74 -13.66
N LYS B 145 -3.48 20.00 -14.06
CA LYS B 145 -3.37 18.74 -14.77
C LYS B 145 -2.36 18.80 -15.93
N SER B 146 -2.47 19.83 -16.79
CA SER B 146 -1.64 20.03 -17.95
C SER B 146 -1.02 21.43 -18.02
N GLU B 147 -0.79 22.10 -16.90
CA GLU B 147 -0.26 23.47 -16.89
C GLU B 147 0.52 23.74 -15.60
N ALA B 148 1.74 24.27 -15.74
CA ALA B 148 2.48 24.95 -14.65
C ALA B 148 1.78 26.25 -14.27
N SER B 149 1.89 26.65 -13.00
CA SER B 149 1.30 27.91 -12.54
C SER B 149 1.94 28.33 -11.22
N GLY B 150 2.15 29.63 -11.01
CA GLY B 150 2.55 30.17 -9.70
C GLY B 150 3.76 29.49 -9.10
N PHE B 151 4.81 29.29 -9.94
CA PHE B 151 6.08 28.69 -9.57
C PHE B 151 5.99 27.16 -9.35
N CYS B 152 4.80 26.55 -9.58
CA CYS B 152 4.47 25.15 -9.37
C CYS B 152 4.37 24.46 -10.70
N TYR B 153 5.00 23.28 -10.84
CA TYR B 153 4.94 22.48 -12.05
C TYR B 153 4.17 21.16 -11.83
N VAL B 154 4.51 20.41 -10.76
CA VAL B 154 3.82 19.16 -10.44
C VAL B 154 3.13 19.37 -9.09
N ASN B 155 1.81 18.98 -9.04
CA ASN B 155 0.99 19.16 -7.88
C ASN B 155 1.15 17.96 -7.00
N ASP B 156 2.21 17.98 -6.19
CA ASP B 156 2.54 16.94 -5.20
C ASP B 156 1.41 16.71 -4.19
N ILE B 157 0.59 17.75 -3.95
CA ILE B 157 -0.48 17.73 -2.98
C ILE B 157 -1.60 16.84 -3.53
N VAL B 158 -2.04 17.08 -4.76
CA VAL B 158 -3.09 16.30 -5.39
C VAL B 158 -2.66 14.85 -5.51
N LEU B 159 -1.40 14.60 -5.92
CA LEU B 159 -0.84 13.24 -5.94
C LEU B 159 -0.80 12.57 -4.58
N ALA B 160 -0.40 13.26 -3.54
CA ALA B 160 -0.43 12.72 -2.19
C ALA B 160 -1.86 12.44 -1.72
N ILE B 161 -2.80 13.30 -2.06
CA ILE B 161 -4.19 13.10 -1.64
C ILE B 161 -4.77 11.88 -2.38
N LEU B 162 -4.52 11.74 -3.70
CA LEU B 162 -4.90 10.57 -4.45
C LEU B 162 -4.35 9.27 -3.82
N GLU B 163 -3.13 9.30 -3.28
CA GLU B 163 -2.54 8.17 -2.54
C GLU B 163 -3.38 7.90 -1.28
N LEU B 164 -3.63 8.93 -0.49
CA LEU B 164 -4.44 8.82 0.71
C LEU B 164 -5.84 8.25 0.43
N LEU B 165 -6.45 8.65 -0.70
CA LEU B 165 -7.78 8.20 -1.07
C LEU B 165 -7.89 6.70 -1.40
N LYS B 166 -6.76 5.99 -1.51
CA LYS B 166 -6.77 4.53 -1.57
C LYS B 166 -7.21 3.92 -0.26
N TYR B 167 -6.93 4.56 0.87
CA TYR B 167 -7.15 4.03 2.22
C TYR B 167 -8.21 4.78 3.01
N HIS B 168 -8.62 5.97 2.49
CA HIS B 168 -9.36 6.97 3.25
C HIS B 168 -10.51 7.40 2.43
N GLN B 169 -11.74 7.20 2.95
CA GLN B 169 -12.95 7.58 2.26
C GLN B 169 -13.07 9.10 2.09
N ARG B 170 -12.66 9.86 3.14
CA ARG B 170 -12.72 11.31 3.16
C ARG B 170 -11.38 11.90 3.62
N VAL B 171 -10.79 12.77 2.76
CA VAL B 171 -9.56 13.50 3.06
C VAL B 171 -9.82 14.99 3.12
N LEU B 172 -9.34 15.64 4.20
CA LEU B 172 -9.45 17.08 4.37
C LEU B 172 -8.11 17.78 4.05
N TYR B 173 -8.18 18.77 3.15
CA TYR B 173 -7.04 19.58 2.80
C TYR B 173 -7.26 20.98 3.37
N ILE B 174 -6.22 21.56 4.00
CA ILE B 174 -6.28 22.87 4.63
C ILE B 174 -5.07 23.64 4.12
N ASP B 175 -5.31 24.88 3.65
CA ASP B 175 -4.33 25.69 2.97
C ASP B 175 -4.19 27.01 3.75
N ILE B 176 -3.06 27.20 4.43
CA ILE B 176 -2.78 28.45 5.17
C ILE B 176 -1.69 29.30 4.48
N ASP B 177 -1.19 28.88 3.29
CA ASP B 177 -0.50 29.78 2.35
C ASP B 177 -1.36 31.05 2.09
N ILE B 178 -0.74 32.19 1.87
CA ILE B 178 -1.51 33.41 1.61
C ILE B 178 -2.30 33.34 0.29
N HIS B 179 -1.86 32.46 -0.63
CA HIS B 179 -2.54 32.29 -1.90
C HIS B 179 -3.54 31.16 -1.82
N HIS B 180 -4.55 31.23 -2.69
CA HIS B 180 -5.59 30.23 -2.81
C HIS B 180 -4.97 28.96 -3.43
N GLY B 181 -5.24 27.80 -2.81
CA GLY B 181 -4.86 26.51 -3.33
C GLY B 181 -5.81 26.07 -4.36
N ASP B 182 -5.73 26.78 -5.51
CA ASP B 182 -6.61 26.62 -6.64
C ASP B 182 -6.45 25.31 -7.38
N GLY B 183 -5.20 24.81 -7.49
CA GLY B 183 -4.94 23.56 -8.18
C GLY B 183 -5.52 22.38 -7.44
N VAL B 184 -5.48 22.43 -6.11
CA VAL B 184 -6.01 21.38 -5.26
C VAL B 184 -7.53 21.44 -5.30
N GLU B 185 -8.08 22.63 -5.12
CA GLU B 185 -9.53 22.85 -5.20
C GLU B 185 -10.10 22.34 -6.54
N GLU B 186 -9.44 22.67 -7.63
CA GLU B 186 -9.89 22.31 -8.96
C GLU B 186 -9.89 20.82 -9.11
N ALA B 187 -8.81 20.12 -8.75
CA ALA B 187 -8.72 18.66 -8.86
C ALA B 187 -9.84 17.96 -8.17
N PHE B 188 -10.28 18.49 -7.00
CA PHE B 188 -11.31 17.82 -6.22
C PHE B 188 -12.64 18.56 -6.14
N TYR B 189 -12.91 19.44 -7.10
CA TYR B 189 -14.06 20.35 -7.01
C TYR B 189 -15.41 19.64 -7.07
N THR B 190 -15.47 18.49 -7.79
CA THR B 190 -16.72 17.80 -7.97
C THR B 190 -16.80 16.52 -7.16
N THR B 191 -15.94 16.34 -6.13
CA THR B 191 -16.03 15.18 -5.24
C THR B 191 -16.21 15.60 -3.81
N ASP B 192 -17.01 14.85 -3.08
CA ASP B 192 -17.15 14.94 -1.63
C ASP B 192 -16.08 14.12 -0.88
N ARG B 193 -15.23 13.37 -1.58
CA ARG B 193 -14.15 12.61 -0.96
C ARG B 193 -12.93 13.43 -0.58
N VAL B 194 -12.81 14.66 -1.09
CA VAL B 194 -11.85 15.62 -0.58
C VAL B 194 -12.59 16.91 -0.34
N MET B 195 -12.47 17.45 0.86
CA MET B 195 -12.89 18.79 1.19
C MET B 195 -11.65 19.65 1.22
N THR B 196 -11.68 20.75 0.50
CA THR B 196 -10.56 21.67 0.43
C THR B 196 -10.98 22.90 1.21
N VAL B 197 -10.11 23.35 2.13
CA VAL B 197 -10.38 24.53 2.94
C VAL B 197 -9.17 25.44 2.73
N SER B 198 -9.33 26.57 2.02
CA SER B 198 -8.28 27.56 1.89
C SER B 198 -8.59 28.93 2.52
N PHE B 199 -7.64 29.48 3.31
CA PHE B 199 -7.62 30.87 3.82
C PHE B 199 -6.58 31.59 3.01
N HIS B 200 -6.89 32.77 2.53
CA HIS B 200 -6.03 33.44 1.60
C HIS B 200 -6.45 34.89 1.44
N LYS B 201 -5.53 35.71 0.99
CA LYS B 201 -5.87 37.00 0.43
C LYS B 201 -6.68 36.82 -0.81
N TYR B 202 -7.67 37.67 -0.96
CA TYR B 202 -8.53 37.69 -2.11
C TYR B 202 -8.74 39.14 -2.47
N GLY B 203 -8.68 39.43 -3.78
CA GLY B 203 -8.86 40.78 -4.32
C GLY B 203 -7.58 41.30 -4.94
N GLU B 204 -7.52 41.34 -6.29
CA GLU B 204 -6.37 41.90 -6.99
C GLU B 204 -5.11 41.14 -6.63
N TYR B 205 -5.21 39.79 -6.57
CA TYR B 205 -4.17 38.97 -5.99
C TYR B 205 -4.19 37.60 -6.59
N PHE B 206 -2.99 37.10 -6.92
CA PHE B 206 -2.81 35.78 -7.54
C PHE B 206 -3.43 34.69 -6.63
N PRO B 207 -4.06 33.63 -7.19
CA PRO B 207 -4.44 33.39 -8.60
C PRO B 207 -5.76 34.02 -9.09
N GLY B 208 -6.46 34.78 -8.26
CA GLY B 208 -7.73 35.39 -8.68
C GLY B 208 -8.97 34.56 -8.34
N THR B 209 -8.76 33.40 -7.72
CA THR B 209 -9.80 32.44 -7.38
C THR B 209 -9.97 32.37 -5.81
N GLY B 210 -10.84 31.52 -5.33
CA GLY B 210 -11.11 31.41 -3.90
C GLY B 210 -12.10 32.41 -3.39
N ASP B 211 -13.11 32.76 -4.22
CA ASP B 211 -14.25 33.52 -3.73
C ASP B 211 -14.98 32.68 -2.64
N LEU B 212 -15.53 33.34 -1.62
CA LEU B 212 -16.47 32.80 -0.61
C LEU B 212 -17.56 31.94 -1.29
N ARG B 213 -18.03 32.40 -2.43
CA ARG B 213 -19.10 31.75 -3.18
C ARG B 213 -18.65 30.55 -3.97
N ASP B 214 -17.34 30.29 -4.08
CA ASP B 214 -16.88 29.02 -4.67
C ASP B 214 -16.90 27.89 -3.64
N ILE B 215 -17.91 27.03 -3.76
CA ILE B 215 -18.23 26.02 -2.77
C ILE B 215 -18.17 24.59 -3.29
N GLY B 216 -17.71 24.36 -4.51
CA GLY B 216 -17.76 23.04 -5.14
C GLY B 216 -18.94 22.91 -6.09
N ALA B 217 -18.94 21.83 -6.86
CA ALA B 217 -20.01 21.52 -7.81
C ALA B 217 -20.33 20.03 -7.82
N GLY B 218 -21.56 19.67 -8.18
CA GLY B 218 -21.95 18.27 -8.27
C GLY B 218 -21.95 17.62 -6.91
N LYS B 219 -21.40 16.40 -6.80
CA LYS B 219 -21.20 15.78 -5.49
C LYS B 219 -20.31 16.58 -4.55
N GLY B 220 -19.47 17.44 -5.10
CA GLY B 220 -18.54 18.26 -4.33
C GLY B 220 -19.09 19.59 -3.85
N LYS B 221 -20.38 19.86 -4.11
CA LYS B 221 -21.00 21.08 -3.65
C LYS B 221 -21.08 21.06 -2.12
N TYR B 222 -20.58 22.15 -1.50
CA TYR B 222 -20.37 22.36 -0.09
C TYR B 222 -19.04 21.74 0.42
N TYR B 223 -18.23 21.12 -0.47
CA TYR B 223 -16.95 20.51 -0.10
C TYR B 223 -15.73 21.32 -0.54
N ALA B 224 -15.91 22.52 -1.05
CA ALA B 224 -14.84 23.50 -1.14
C ALA B 224 -15.22 24.66 -0.22
N VAL B 225 -14.28 25.12 0.62
CA VAL B 225 -14.48 26.21 1.56
C VAL B 225 -13.35 27.19 1.38
N ASN B 226 -13.67 28.49 1.24
CA ASN B 226 -12.68 29.53 1.02
C ASN B 226 -12.95 30.71 1.97
N PHE B 227 -11.95 31.14 2.72
CA PHE B 227 -12.06 32.28 3.60
C PHE B 227 -11.23 33.42 2.98
N PRO B 228 -11.89 34.32 2.24
CA PRO B 228 -11.21 35.44 1.67
C PRO B 228 -10.81 36.47 2.74
N MET B 229 -9.55 36.84 2.79
CA MET B 229 -9.03 37.79 3.72
C MET B 229 -8.45 39.00 3.00
N ARG B 230 -8.31 40.09 3.76
CA ARG B 230 -7.68 41.34 3.38
C ARG B 230 -6.31 41.45 4.05
N ASP B 231 -5.59 42.49 3.65
CA ASP B 231 -4.26 42.78 4.15
C ASP B 231 -4.21 42.90 5.65
N GLY B 232 -3.12 42.45 6.21
CA GLY B 232 -2.77 42.82 7.56
C GLY B 232 -3.35 41.97 8.64
N ILE B 233 -3.88 40.77 8.30
CA ILE B 233 -4.51 39.94 9.32
C ILE B 233 -3.43 39.52 10.31
N ASP B 234 -3.77 39.45 11.60
CA ASP B 234 -2.83 39.19 12.65
C ASP B 234 -3.13 37.86 13.35
N ASP B 235 -2.29 37.48 14.32
CA ASP B 235 -2.41 36.21 15.00
C ASP B 235 -3.74 36.03 15.69
N GLU B 236 -4.18 37.09 16.38
CA GLU B 236 -5.43 37.03 17.11
C GLU B 236 -6.64 36.81 16.17
N SER B 237 -6.74 37.60 15.10
CA SER B 237 -7.83 37.56 14.15
C SER B 237 -7.82 36.24 13.37
N TYR B 238 -6.64 35.76 12.97
CA TYR B 238 -6.52 34.50 12.25
C TYR B 238 -6.93 33.34 13.16
N GLY B 239 -6.47 33.37 14.38
CA GLY B 239 -6.75 32.31 15.33
C GLY B 239 -8.20 32.19 15.72
N GLN B 240 -8.88 33.33 15.86
CA GLN B 240 -10.30 33.42 16.17
C GLN B 240 -11.23 32.86 15.08
N ILE B 241 -10.77 32.73 13.85
CA ILE B 241 -11.54 32.06 12.81
C ILE B 241 -10.99 30.67 12.42
N PHE B 242 -9.67 30.42 12.51
CA PHE B 242 -9.13 29.13 12.09
C PHE B 242 -9.68 27.97 12.95
N LYS B 243 -9.62 28.10 14.29
CA LYS B 243 -10.10 27.02 15.17
C LYS B 243 -11.61 26.79 15.03
N PRO B 244 -12.50 27.81 15.10
CA PRO B 244 -13.93 27.55 14.89
C PRO B 244 -14.26 26.89 13.57
N ILE B 245 -13.58 27.32 12.48
CA ILE B 245 -13.90 26.83 11.14
C ILE B 245 -13.48 25.38 11.03
N ILE B 246 -12.27 25.08 11.45
CA ILE B 246 -11.70 23.75 11.33
C ILE B 246 -12.43 22.79 12.25
N SER B 247 -12.74 23.22 13.48
CA SER B 247 -13.59 22.41 14.37
C SER B 247 -14.93 22.06 13.73
N LYS B 248 -15.62 23.01 13.09
CA LYS B 248 -16.94 22.74 12.43
C LYS B 248 -16.75 21.86 11.19
N VAL B 249 -15.69 22.10 10.40
CA VAL B 249 -15.33 21.20 9.28
C VAL B 249 -15.13 19.76 9.79
N MET B 250 -14.33 19.58 10.85
CA MET B 250 -14.05 18.27 11.39
C MET B 250 -15.36 17.57 11.84
N GLU B 251 -16.22 18.33 12.55
CA GLU B 251 -17.50 17.83 13.07
C GLU B 251 -18.39 17.34 11.93
N MET B 252 -18.53 18.16 10.90
CA MET B 252 -19.44 17.89 9.83
C MET B 252 -18.87 16.90 8.84
N TYR B 253 -17.59 17.05 8.45
CA TYR B 253 -16.97 16.26 7.40
C TYR B 253 -16.38 14.94 7.90
N GLN B 254 -15.85 14.91 9.12
CA GLN B 254 -15.28 13.68 9.70
C GLN B 254 -14.27 12.99 8.78
N PRO B 255 -13.18 13.72 8.41
CA PRO B 255 -12.14 13.10 7.59
C PRO B 255 -11.38 12.03 8.39
N SER B 256 -10.80 11.06 7.71
CA SER B 256 -9.89 10.10 8.33
C SER B 256 -8.40 10.42 8.09
N ALA B 257 -8.09 11.40 7.22
CA ALA B 257 -6.73 11.89 7.02
C ALA B 257 -6.78 13.36 6.65
N VAL B 258 -5.69 14.09 7.00
CA VAL B 258 -5.59 15.53 6.81
C VAL B 258 -4.27 15.84 6.10
N VAL B 259 -4.32 16.76 5.11
CA VAL B 259 -3.15 17.38 4.46
C VAL B 259 -3.20 18.86 4.80
N LEU B 260 -2.10 19.42 5.37
CA LEU B 260 -2.02 20.81 5.77
C LEU B 260 -0.86 21.44 4.99
N GLN B 261 -1.18 22.37 4.09
CA GLN B 261 -0.20 23.12 3.34
C GLN B 261 0.14 24.35 4.25
N CYS B 262 1.44 24.51 4.58
CA CYS B 262 1.90 25.46 5.58
C CYS B 262 2.68 26.57 4.92
N GLY B 263 2.25 27.05 3.78
CA GLY B 263 2.95 28.11 3.07
C GLY B 263 3.22 29.30 3.97
N ALA B 264 4.50 29.70 4.07
CA ALA B 264 4.94 30.70 5.04
C ALA B 264 4.90 32.13 4.47
N ASP B 265 4.24 32.33 3.28
CA ASP B 265 4.04 33.68 2.75
C ASP B 265 2.91 34.44 3.40
N SER B 266 2.18 33.81 4.33
CA SER B 266 1.19 34.40 5.25
C SER B 266 1.83 35.03 6.51
N LEU B 267 3.18 34.95 6.64
CA LEU B 267 3.89 35.63 7.69
C LEU B 267 4.09 37.10 7.41
N SER B 268 4.10 37.86 8.51
CA SER B 268 4.56 39.27 8.58
C SER B 268 5.95 39.43 7.88
N GLY B 269 6.03 40.40 7.01
CA GLY B 269 7.29 40.75 6.37
C GLY B 269 7.67 39.88 5.20
N ASP B 270 6.74 39.10 4.68
CA ASP B 270 7.00 38.31 3.49
C ASP B 270 7.16 39.24 2.29
N ARG B 271 8.11 38.95 1.44
CA ARG B 271 8.42 39.80 0.28
C ARG B 271 7.25 39.94 -0.67
N LEU B 272 6.47 38.85 -0.85
CA LEU B 272 5.31 38.87 -1.73
C LEU B 272 3.99 38.93 -1.02
N GLY B 273 3.91 38.55 0.23
CA GLY B 273 2.67 38.55 1.00
C GLY B 273 2.38 39.85 1.72
N CYS B 274 1.13 39.99 2.18
N CYS B 274 1.14 40.00 2.18
CA CYS B 274 0.59 41.19 2.79
CA CYS B 274 0.63 41.20 2.82
C CYS B 274 -0.11 40.91 4.12
C CYS B 274 -0.13 40.90 4.12
N PHE B 275 0.18 39.77 4.78
CA PHE B 275 -0.42 39.41 6.06
C PHE B 275 0.51 39.80 7.20
N ASN B 276 0.05 39.65 8.47
CA ASN B 276 0.82 40.04 9.63
C ASN B 276 0.90 38.98 10.71
N LEU B 277 1.01 37.72 10.32
CA LEU B 277 1.13 36.62 11.26
C LEU B 277 2.55 36.48 11.74
N THR B 278 2.70 36.05 12.98
CA THR B 278 4.00 35.65 13.48
C THR B 278 4.15 34.13 13.25
N VAL B 279 5.33 33.59 13.51
CA VAL B 279 5.57 32.17 13.46
C VAL B 279 4.66 31.43 14.46
N LYS B 280 4.41 32.00 15.65
CA LYS B 280 3.48 31.36 16.61
C LYS B 280 2.07 31.36 16.07
N GLY B 281 1.64 32.47 15.47
CA GLY B 281 0.32 32.54 14.88
C GLY B 281 0.13 31.56 13.74
N HIS B 282 1.12 31.42 12.88
CA HIS B 282 1.09 30.45 11.79
C HIS B 282 1.03 29.02 12.38
N ALA B 283 1.93 28.70 13.30
CA ALA B 283 2.06 27.37 13.89
C ALA B 283 0.89 26.94 14.74
N LYS B 284 0.12 27.89 15.27
CA LYS B 284 -1.10 27.58 16.01
C LYS B 284 -2.09 26.76 15.17
N CYS B 285 -2.06 26.95 13.83
CA CYS B 285 -2.85 26.17 12.88
C CYS B 285 -2.45 24.70 12.92
N VAL B 286 -1.13 24.43 12.98
CA VAL B 286 -0.60 23.07 13.08
C VAL B 286 -1.08 22.47 14.41
N GLU B 287 -0.95 23.21 15.51
CA GLU B 287 -1.45 22.75 16.83
C GLU B 287 -2.93 22.42 16.79
N VAL B 288 -3.77 23.32 16.24
CA VAL B 288 -5.21 23.08 16.13
C VAL B 288 -5.52 21.79 15.34
N VAL B 289 -4.91 21.63 14.18
CA VAL B 289 -5.15 20.45 13.36
C VAL B 289 -4.71 19.18 14.10
N LYS B 290 -3.61 19.24 14.81
CA LYS B 290 -3.13 18.11 15.59
C LYS B 290 -4.10 17.63 16.63
N THR B 291 -4.90 18.52 17.24
CA THR B 291 -5.75 18.09 18.37
C THR B 291 -6.79 17.03 17.94
N PHE B 292 -7.12 16.95 16.63
CA PHE B 292 -8.08 15.97 16.14
C PHE B 292 -7.53 14.53 16.01
N ASN B 293 -6.20 14.33 16.19
CA ASN B 293 -5.58 13.03 16.23
C ASN B 293 -5.84 12.22 14.97
N LEU B 294 -5.71 12.87 13.81
CA LEU B 294 -5.91 12.20 12.53
C LEU B 294 -4.56 12.12 11.84
N PRO B 295 -4.30 11.07 11.05
CA PRO B 295 -3.09 11.04 10.22
C PRO B 295 -2.92 12.36 9.43
N LEU B 296 -1.74 12.96 9.52
CA LEU B 296 -1.54 14.31 9.05
C LEU B 296 -0.27 14.42 8.19
N LEU B 297 -0.42 14.90 6.95
CA LEU B 297 0.68 15.23 6.06
C LEU B 297 0.83 16.73 6.08
N MET B 298 1.98 17.21 6.54
CA MET B 298 2.34 18.63 6.54
C MET B 298 3.31 18.95 5.39
N LEU B 299 2.90 19.90 4.54
CA LEU B 299 3.64 20.31 3.36
C LEU B 299 4.10 21.76 3.48
N GLY B 300 5.09 22.11 2.67
CA GLY B 300 5.51 23.50 2.55
C GLY B 300 4.58 24.28 1.63
N GLY B 301 5.17 25.19 0.88
CA GLY B 301 4.40 26.14 0.08
C GLY B 301 5.22 27.36 -0.21
N GLY B 302 4.56 28.48 -0.37
CA GLY B 302 5.24 29.74 -0.59
C GLY B 302 6.00 30.19 0.65
N GLY B 303 6.58 31.37 0.54
CA GLY B 303 7.42 32.00 1.54
C GLY B 303 8.70 32.53 0.94
N TYR B 304 8.91 33.86 1.05
CA TYR B 304 9.85 34.63 0.23
C TYR B 304 10.79 35.49 1.03
N THR B 305 10.57 35.68 2.34
CA THR B 305 11.59 36.17 3.28
C THR B 305 12.18 34.92 3.91
N ILE B 306 13.33 34.47 3.42
CA ILE B 306 13.71 33.04 3.57
C ILE B 306 14.19 32.74 5.01
N ARG B 307 14.78 33.74 5.71
CA ARG B 307 15.01 33.60 7.16
C ARG B 307 13.71 33.30 7.93
N ASN B 308 12.58 33.92 7.56
CA ASN B 308 11.31 33.67 8.24
C ASN B 308 10.68 32.34 7.88
N VAL B 309 10.86 31.91 6.64
CA VAL B 309 10.48 30.59 6.19
C VAL B 309 11.15 29.50 7.00
N ALA B 310 12.50 29.59 7.16
CA ALA B 310 13.27 28.62 7.95
C ALA B 310 12.85 28.62 9.42
N ARG B 311 12.59 29.81 9.98
CA ARG B 311 12.08 29.89 11.36
C ARG B 311 10.73 29.17 11.49
N CYS B 312 9.83 29.44 10.55
CA CYS B 312 8.44 28.98 10.59
C CYS B 312 8.36 27.49 10.53
N TRP B 313 9.07 26.90 9.54
CA TRP B 313 8.98 25.46 9.33
C TRP B 313 9.79 24.69 10.35
N THR B 314 10.86 25.29 10.91
CA THR B 314 11.55 24.69 12.06
C THR B 314 10.62 24.60 13.26
N TYR B 315 9.94 25.70 13.59
CA TYR B 315 9.04 25.70 14.75
C TYR B 315 7.88 24.72 14.55
N GLU B 316 7.35 24.61 13.35
CA GLU B 316 6.24 23.71 13.06
C GLU B 316 6.66 22.25 13.03
N THR B 317 7.94 21.96 12.76
CA THR B 317 8.50 20.62 12.98
C THR B 317 8.53 20.35 14.50
N ALA B 318 9.01 21.28 15.29
CA ALA B 318 8.99 21.18 16.75
C ALA B 318 7.56 20.94 17.29
N VAL B 319 6.56 21.68 16.76
CA VAL B 319 5.17 21.51 17.13
C VAL B 319 4.71 20.08 16.75
N ALA B 320 4.96 19.61 15.53
CA ALA B 320 4.66 18.23 15.13
C ALA B 320 5.29 17.21 16.12
N LEU B 321 6.51 17.43 16.54
CA LEU B 321 7.18 16.55 17.50
C LEU B 321 6.75 16.81 18.97
N ASP B 322 5.71 17.61 19.19
N ASP B 322 5.73 17.61 19.22
CA ASP B 322 5.22 18.00 20.50
CA ASP B 322 5.26 17.90 20.56
C ASP B 322 6.32 18.48 21.45
C ASP B 322 6.35 18.45 21.48
N CYS B 323 7.21 19.33 20.94
CA CYS B 323 8.27 19.87 21.77
C CYS B 323 8.52 21.33 21.51
N GLU B 324 8.98 22.02 22.54
CA GLU B 324 9.44 23.37 22.45
C GLU B 324 10.94 23.42 22.23
N ILE B 325 11.33 24.50 21.64
CA ILE B 325 12.71 24.83 21.33
C ILE B 325 12.95 26.28 21.77
N PRO B 326 14.20 26.59 22.20
CA PRO B 326 14.47 27.95 22.63
C PRO B 326 14.34 29.01 21.53
N ASN B 327 13.99 30.21 21.94
CA ASN B 327 13.95 31.35 21.05
C ASN B 327 15.38 31.70 20.59
N GLU B 328 16.39 31.45 21.40
CA GLU B 328 17.80 31.66 21.06
C GLU B 328 18.13 30.71 20.00
N LEU B 329 18.37 31.22 18.77
CA LEU B 329 18.71 30.33 17.68
C LEU B 329 20.04 29.67 17.93
N PRO B 330 20.17 28.37 17.64
CA PRO B 330 21.45 27.74 17.76
C PRO B 330 22.31 28.21 16.60
N TYR B 331 23.63 28.11 16.78
CA TYR B 331 24.54 28.33 15.67
C TYR B 331 24.19 27.38 14.51
N ASN B 332 24.37 27.79 13.27
CA ASN B 332 24.06 27.00 12.12
C ASN B 332 24.77 27.55 10.90
N ASP B 333 24.74 26.78 9.78
CA ASP B 333 25.43 27.18 8.56
C ASP B 333 24.96 28.50 8.01
N TYR B 334 23.79 29.04 8.45
CA TYR B 334 23.20 30.25 7.89
C TYR B 334 22.93 31.28 8.95
N PHE B 335 23.68 31.26 10.04
CA PHE B 335 23.43 32.08 11.24
C PHE B 335 23.25 33.55 10.94
N GLU B 336 24.10 34.09 10.11
CA GLU B 336 24.06 35.51 9.70
C GLU B 336 22.78 35.94 9.00
N TYR B 337 22.05 34.99 8.42
CA TYR B 337 20.77 35.32 7.76
C TYR B 337 19.71 35.73 8.79
N PHE B 338 19.89 35.39 10.09
CA PHE B 338 18.91 35.60 11.15
C PHE B 338 19.16 36.84 12.01
N GLY B 339 20.09 37.68 11.61
CA GLY B 339 20.26 38.97 12.24
C GLY B 339 19.08 39.88 11.98
N PRO B 340 18.98 40.98 12.71
CA PRO B 340 19.90 41.44 13.76
C PRO B 340 19.74 40.74 15.12
N ASP B 341 18.68 39.91 15.27
CA ASP B 341 18.21 39.39 16.56
C ASP B 341 18.66 37.98 16.88
N PHE B 342 18.82 37.12 15.88
CA PHE B 342 19.21 35.74 16.04
C PHE B 342 18.24 34.96 16.96
N LYS B 343 16.93 35.30 16.84
CA LYS B 343 15.84 34.62 17.51
C LYS B 343 15.01 33.81 16.53
N LEU B 344 14.32 32.81 17.04
CA LEU B 344 13.39 32.00 16.23
C LEU B 344 12.09 32.76 15.90
N HIS B 345 11.54 33.45 16.91
CA HIS B 345 10.25 34.07 16.78
C HIS B 345 10.32 35.47 16.25
N ILE B 346 9.28 35.87 15.53
CA ILE B 346 9.26 37.19 14.89
C ILE B 346 8.14 38.06 15.47
N SER B 347 8.29 39.34 15.32
CA SER B 347 7.31 40.30 15.77
C SER B 347 6.45 40.70 14.61
N PRO B 348 5.19 41.03 14.88
CA PRO B 348 4.34 41.58 13.83
C PRO B 348 4.74 43.04 13.55
N SER B 349 4.34 43.52 12.39
CA SER B 349 4.55 44.91 12.01
C SER B 349 3.41 45.81 12.50
N ASN B 350 3.54 47.12 12.29
CA ASN B 350 2.53 48.12 12.60
C ASN B 350 1.47 48.28 11.46
N MET B 351 1.45 47.35 10.48
CA MET B 351 0.55 47.47 9.37
C MET B 351 -0.88 47.29 9.82
N THR B 352 -1.79 47.96 9.12
CA THR B 352 -3.20 47.97 9.48
C THR B 352 -3.79 46.62 9.16
N ASN B 353 -4.56 46.07 10.11
CA ASN B 353 -5.41 44.92 9.82
C ASN B 353 -6.67 45.37 9.10
N GLN B 354 -6.77 45.12 7.79
CA GLN B 354 -7.99 45.51 7.06
C GLN B 354 -9.19 44.55 7.28
N ASN B 355 -8.95 43.44 8.04
CA ASN B 355 -9.97 42.48 8.38
C ASN B 355 -10.55 42.87 9.71
N THR B 356 -11.63 43.64 9.65
CA THR B 356 -12.35 44.10 10.81
C THR B 356 -12.96 42.95 11.57
N PRO B 357 -13.21 43.13 12.87
CA PRO B 357 -13.93 42.11 13.61
C PRO B 357 -15.27 41.68 13.03
N GLU B 358 -16.05 42.63 12.50
CA GLU B 358 -17.34 42.31 11.95
C GLU B 358 -17.22 41.59 10.64
N TYR B 359 -16.25 41.98 9.80
CA TYR B 359 -15.96 41.28 8.54
C TYR B 359 -15.67 39.83 8.77
N MET B 360 -14.73 39.60 9.66
CA MET B 360 -14.32 38.24 9.96
CA MET B 360 -14.30 38.24 9.96
C MET B 360 -15.44 37.37 10.49
N GLU B 361 -16.27 37.91 11.39
CA GLU B 361 -17.42 37.17 11.91
C GLU B 361 -18.50 36.94 10.86
N LYS B 362 -18.72 37.92 9.97
CA LYS B 362 -19.68 37.74 8.92
C LYS B 362 -19.26 36.67 7.92
N ILE B 363 -17.97 36.71 7.45
CA ILE B 363 -17.51 35.60 6.59
C ILE B 363 -17.67 34.23 7.25
N LYS B 364 -17.27 34.13 8.54
CA LYS B 364 -17.39 32.95 9.39
C LYS B 364 -18.82 32.41 9.43
N GLN B 365 -19.81 33.28 9.64
CA GLN B 365 -21.23 32.84 9.68
C GLN B 365 -21.71 32.33 8.34
N ARG B 366 -21.28 32.96 7.24
CA ARG B 366 -21.62 32.45 5.91
C ARG B 366 -21.02 31.04 5.69
N LEU B 367 -19.76 30.84 6.03
CA LEU B 367 -19.12 29.52 5.98
C LEU B 367 -19.82 28.50 6.88
N PHE B 368 -20.17 28.87 8.12
CA PHE B 368 -20.99 28.01 8.96
C PHE B 368 -22.36 27.62 8.32
N GLU B 369 -23.02 28.54 7.59
CA GLU B 369 -24.27 28.22 6.90
C GLU B 369 -24.02 27.15 5.85
N ASN B 370 -22.92 27.28 5.07
CA ASN B 370 -22.53 26.29 4.07
C ASN B 370 -22.19 24.94 4.71
N LEU B 371 -21.45 24.92 5.82
CA LEU B 371 -21.10 23.67 6.49
C LEU B 371 -22.32 22.93 7.04
N ARG B 372 -23.35 23.65 7.45
CA ARG B 372 -24.59 23.02 7.91
C ARG B 372 -25.36 22.30 6.78
N MET B 373 -24.97 22.51 5.49
CA MET B 373 -25.49 21.80 4.34
C MET B 373 -24.88 20.42 4.10
N LEU B 374 -23.80 20.04 4.81
CA LEU B 374 -23.31 18.66 4.76
C LEU B 374 -24.32 17.73 5.45
N PRO B 375 -24.40 16.45 5.03
CA PRO B 375 -25.39 15.55 5.65
C PRO B 375 -25.09 15.19 7.10
N LYS C 9 -51.36 -0.72 -5.23
CA LYS C 9 -50.00 -1.13 -4.82
C LYS C 9 -49.60 -2.49 -5.49
N LYS C 10 -48.56 -3.15 -4.97
CA LYS C 10 -48.11 -4.46 -5.40
C LYS C 10 -48.61 -5.50 -4.40
N LYS C 11 -48.85 -6.70 -4.90
CA LYS C 11 -49.34 -7.80 -4.06
C LYS C 11 -48.19 -8.65 -3.48
N VAL C 12 -48.31 -9.00 -2.21
CA VAL C 12 -47.31 -9.80 -1.52
C VAL C 12 -48.02 -11.05 -0.95
N CYS C 13 -47.53 -12.26 -1.25
CA CYS C 13 -47.94 -13.52 -0.60
C CYS C 13 -46.77 -13.92 0.28
N TYR C 14 -47.05 -14.52 1.44
CA TYR C 14 -46.05 -14.80 2.46
C TYR C 14 -46.28 -16.29 2.89
N TYR C 15 -45.21 -17.12 2.86
CA TYR C 15 -45.29 -18.54 3.20
C TYR C 15 -44.76 -18.76 4.60
N TYR C 16 -45.49 -19.55 5.38
CA TYR C 16 -45.09 -19.86 6.73
C TYR C 16 -45.83 -21.09 7.26
N ASP C 17 -45.11 -21.95 7.93
CA ASP C 17 -45.68 -23.04 8.67
C ASP C 17 -45.34 -22.86 10.15
N GLY C 18 -46.34 -22.91 11.02
CA GLY C 18 -46.16 -22.75 12.46
C GLY C 18 -45.25 -23.78 13.10
N ASP C 19 -45.09 -24.96 12.49
CA ASP C 19 -44.14 -25.98 12.97
C ASP C 19 -42.67 -25.63 12.78
N ILE C 20 -42.35 -24.65 11.88
CA ILE C 20 -40.98 -24.41 11.42
C ILE C 20 -40.02 -24.05 12.59
N GLY C 21 -40.50 -23.25 13.55
CA GLY C 21 -39.74 -22.85 14.74
C GLY C 21 -39.44 -23.96 15.72
N ASN C 22 -40.05 -25.13 15.54
CA ASN C 22 -39.88 -26.27 16.44
C ASN C 22 -38.77 -27.25 16.04
N TYR C 23 -38.23 -27.14 14.80
CA TYR C 23 -37.05 -27.92 14.40
C TYR C 23 -35.82 -27.34 15.07
N TYR C 24 -34.97 -28.24 15.60
CA TYR C 24 -33.90 -27.87 16.49
C TYR C 24 -32.62 -28.57 16.04
N TYR C 25 -31.62 -27.78 15.60
CA TYR C 25 -30.35 -28.31 15.13
C TYR C 25 -29.49 -28.96 16.20
N GLY C 26 -29.77 -28.69 17.46
CA GLY C 26 -29.04 -29.28 18.57
C GLY C 26 -28.44 -28.23 19.47
N GLN C 27 -28.01 -28.69 20.66
CA GLN C 27 -27.41 -27.83 21.67
C GLN C 27 -26.13 -27.18 21.09
N GLY C 28 -26.05 -25.86 21.19
CA GLY C 28 -24.85 -25.14 20.73
C GLY C 28 -24.83 -24.83 19.25
N HIS C 29 -25.76 -25.42 18.45
CA HIS C 29 -25.73 -25.17 17.01
C HIS C 29 -26.28 -23.75 16.77
N PRO C 30 -25.53 -22.88 16.07
CA PRO C 30 -25.98 -21.50 15.89
C PRO C 30 -27.23 -21.29 15.04
N MET C 31 -27.59 -22.26 14.20
CA MET C 31 -28.78 -22.16 13.35
C MET C 31 -30.04 -22.47 14.17
N LYS C 32 -30.91 -21.47 14.29
CA LYS C 32 -32.08 -21.48 15.18
C LYS C 32 -33.35 -21.20 14.37
N PRO C 33 -34.01 -22.22 13.82
CA PRO C 33 -35.28 -21.98 13.09
C PRO C 33 -36.37 -21.16 13.81
N HIS C 34 -36.32 -21.09 15.12
CA HIS C 34 -37.19 -20.27 15.99
C HIS C 34 -37.15 -18.76 15.63
N ARG C 35 -36.01 -18.29 15.10
CA ARG C 35 -35.94 -16.91 14.60
C ARG C 35 -37.01 -16.63 13.50
N ILE C 36 -37.44 -17.68 12.76
CA ILE C 36 -38.47 -17.49 11.73
C ILE C 36 -39.84 -17.23 12.42
N ARG C 37 -40.13 -17.98 13.48
CA ARG C 37 -41.30 -17.74 14.32
C ARG C 37 -41.30 -16.36 15.03
N MET C 38 -40.14 -15.93 15.56
CA MET C 38 -39.96 -14.59 16.12
C MET C 38 -40.29 -13.52 15.08
N THR C 39 -39.80 -13.70 13.84
CA THR C 39 -40.04 -12.81 12.71
C THR C 39 -41.55 -12.72 12.48
N HIS C 40 -42.19 -13.88 12.39
CA HIS C 40 -43.59 -14.01 12.08
C HIS C 40 -44.43 -13.26 13.12
N ASN C 41 -44.17 -13.54 14.38
CA ASN C 41 -44.91 -12.94 15.46
C ASN C 41 -44.70 -11.43 15.53
N LEU C 42 -43.49 -10.97 15.24
CA LEU C 42 -43.25 -9.53 15.21
C LEU C 42 -44.05 -8.85 14.09
N LEU C 43 -44.04 -9.41 12.87
CA LEU C 43 -44.74 -8.79 11.76
C LEU C 43 -46.28 -8.93 11.92
N LEU C 44 -46.77 -10.00 12.57
CA LEU C 44 -48.18 -10.05 12.98
C LEU C 44 -48.53 -8.87 13.91
N ASN C 45 -47.70 -8.61 14.92
CA ASN C 45 -47.99 -7.54 15.89
C ASN C 45 -47.81 -6.14 15.35
N TYR C 46 -47.09 -5.97 14.25
CA TYR C 46 -47.06 -4.71 13.53
C TYR C 46 -48.32 -4.49 12.65
N GLY C 47 -49.17 -5.51 12.52
CA GLY C 47 -50.39 -5.47 11.73
C GLY C 47 -50.20 -5.78 10.25
N LEU C 48 -49.02 -6.30 9.86
CA LEU C 48 -48.71 -6.47 8.45
C LEU C 48 -49.47 -7.62 7.75
N TYR C 49 -50.06 -8.54 8.53
CA TYR C 49 -50.99 -9.52 7.98
C TYR C 49 -52.20 -8.90 7.27
N ARG C 50 -52.54 -7.65 7.58
CA ARG C 50 -53.66 -6.98 6.97
C ARG C 50 -53.43 -6.67 5.49
N LYS C 51 -52.15 -6.60 5.06
CA LYS C 51 -51.73 -6.10 3.76
C LYS C 51 -51.19 -7.20 2.85
N MET C 52 -51.20 -8.48 3.29
CA MET C 52 -50.68 -9.56 2.50
C MET C 52 -51.41 -10.85 2.74
N GLU C 53 -51.32 -11.74 1.76
CA GLU C 53 -51.92 -13.05 1.85
C GLU C 53 -50.91 -13.95 2.55
N ILE C 54 -51.29 -14.56 3.68
CA ILE C 54 -50.44 -15.53 4.35
C ILE C 54 -50.92 -16.96 4.03
N TYR C 55 -49.98 -17.80 3.57
CA TYR C 55 -50.21 -19.19 3.18
C TYR C 55 -49.34 -20.14 3.95
N ARG C 56 -49.93 -21.28 4.27
CA ARG C 56 -49.19 -22.39 4.85
C ARG C 56 -48.73 -23.23 3.67
N PRO C 57 -47.41 -23.32 3.41
CA PRO C 57 -46.99 -24.04 2.20
C PRO C 57 -47.11 -25.54 2.36
N HIS C 58 -47.25 -26.21 1.23
CA HIS C 58 -47.20 -27.67 1.25
C HIS C 58 -45.77 -28.15 1.65
N LYS C 59 -45.70 -29.33 2.24
CA LYS C 59 -44.47 -30.10 2.25
C LYS C 59 -44.05 -30.40 0.77
N ALA C 60 -42.87 -29.95 0.35
CA ALA C 60 -42.31 -30.35 -0.93
C ALA C 60 -41.98 -31.85 -0.89
N THR C 61 -42.34 -32.60 -1.93
CA THR C 61 -42.13 -34.03 -1.91
C THR C 61 -40.66 -34.36 -2.20
N ALA C 62 -40.27 -35.54 -1.77
CA ALA C 62 -38.99 -36.16 -2.09
C ALA C 62 -38.81 -36.23 -3.63
N GLU C 63 -39.91 -36.49 -4.39
CA GLU C 63 -39.89 -36.50 -5.86
C GLU C 63 -39.53 -35.09 -6.39
N GLU C 64 -40.24 -34.03 -5.92
CA GLU C 64 -39.89 -32.63 -6.23
C GLU C 64 -38.41 -32.33 -5.97
N MET C 65 -37.88 -32.77 -4.81
CA MET C 65 -36.47 -32.50 -4.48
C MET C 65 -35.49 -33.12 -5.43
N THR C 66 -35.85 -34.29 -6.03
CA THR C 66 -34.98 -34.98 -6.96
C THR C 66 -34.98 -34.34 -8.36
N LYS C 67 -35.71 -33.23 -8.60
CA LYS C 67 -35.49 -32.44 -9.82
C LYS C 67 -34.03 -31.87 -9.88
N TYR C 68 -33.40 -31.69 -8.74
CA TYR C 68 -32.01 -31.26 -8.67
C TYR C 68 -31.12 -32.23 -7.88
N HIS C 69 -31.56 -32.63 -6.67
CA HIS C 69 -30.76 -33.50 -5.85
C HIS C 69 -30.82 -34.91 -6.26
N SER C 70 -29.74 -35.68 -6.02
CA SER C 70 -29.70 -37.09 -6.44
C SER C 70 -30.65 -37.89 -5.58
N ASP C 71 -31.14 -39.00 -6.12
CA ASP C 71 -32.07 -39.88 -5.40
C ASP C 71 -31.42 -40.46 -4.13
N GLU C 72 -30.14 -40.88 -4.18
CA GLU C 72 -29.44 -41.45 -3.03
C GLU C 72 -29.34 -40.47 -1.88
N TYR C 73 -29.10 -39.19 -2.20
CA TYR C 73 -28.99 -38.16 -1.22
C TYR C 73 -30.34 -37.89 -0.53
N ILE C 74 -31.42 -37.76 -1.32
CA ILE C 74 -32.75 -37.47 -0.77
C ILE C 74 -33.21 -38.66 0.05
N LYS C 75 -33.02 -39.90 -0.48
CA LYS C 75 -33.33 -41.17 0.21
C LYS C 75 -32.68 -41.20 1.58
N PHE C 76 -31.38 -40.85 1.64
CA PHE C 76 -30.58 -40.66 2.86
C PHE C 76 -31.24 -39.68 3.80
N LEU C 77 -31.56 -38.49 3.32
CA LEU C 77 -32.15 -37.42 4.12
C LEU C 77 -33.49 -37.87 4.72
N ARG C 78 -34.22 -38.67 3.96
CA ARG C 78 -35.52 -39.20 4.26
C ARG C 78 -35.43 -40.28 5.31
N SER C 79 -34.27 -40.97 5.46
CA SER C 79 -34.05 -42.19 6.24
C SER C 79 -33.18 -42.00 7.48
N ILE C 80 -32.27 -41.04 7.41
CA ILE C 80 -31.34 -40.81 8.49
C ILE C 80 -32.12 -40.23 9.69
N ARG C 81 -31.85 -40.81 10.88
CA ARG C 81 -32.48 -40.55 12.18
C ARG C 81 -31.36 -40.53 13.23
N PRO C 82 -31.44 -39.72 14.32
CA PRO C 82 -30.42 -39.83 15.39
C PRO C 82 -30.14 -41.26 15.85
N ASP C 83 -31.22 -42.04 15.97
CA ASP C 83 -31.15 -43.42 16.46
C ASP C 83 -30.54 -44.45 15.49
N ASN C 84 -30.36 -44.12 14.20
CA ASN C 84 -29.75 -45.07 13.24
C ASN C 84 -28.48 -44.57 12.57
N MET C 85 -27.90 -43.45 13.04
CA MET C 85 -26.69 -42.87 12.43
C MET C 85 -25.55 -43.85 12.32
N SER C 86 -25.40 -44.71 13.34
CA SER C 86 -24.44 -45.82 13.34
C SER C 86 -24.50 -46.67 12.04
N GLU C 87 -25.71 -46.94 11.53
CA GLU C 87 -25.88 -47.70 10.30
C GLU C 87 -25.47 -46.92 9.04
N TYR C 88 -25.38 -45.57 9.09
CA TYR C 88 -25.15 -44.75 7.88
C TYR C 88 -23.82 -43.98 7.88
N SER C 89 -22.82 -44.38 8.66
CA SER C 89 -21.62 -43.55 8.82
C SER C 89 -20.94 -43.22 7.46
N LYS C 90 -21.00 -44.12 6.45
CA LYS C 90 -20.40 -43.93 5.13
C LYS C 90 -21.23 -43.03 4.19
N GLN C 91 -22.58 -43.08 4.27
CA GLN C 91 -23.43 -42.11 3.58
C GLN C 91 -23.34 -40.76 4.27
N MET C 92 -23.30 -40.71 5.62
CA MET C 92 -23.15 -39.46 6.34
C MET C 92 -21.89 -38.71 5.91
N GLN C 93 -20.78 -39.45 5.70
CA GLN C 93 -19.53 -38.91 5.15
C GLN C 93 -19.73 -38.49 3.70
N ARG C 94 -20.33 -39.36 2.88
CA ARG C 94 -20.58 -39.06 1.48
C ARG C 94 -21.42 -37.78 1.30
N PHE C 95 -22.41 -37.61 2.14
CA PHE C 95 -23.37 -36.51 1.97
C PHE C 95 -23.10 -35.32 2.87
N ASN C 96 -21.97 -35.33 3.65
CA ASN C 96 -21.54 -34.30 4.61
C ASN C 96 -22.60 -34.00 5.68
N VAL C 97 -23.19 -35.04 6.25
CA VAL C 97 -24.21 -34.89 7.30
C VAL C 97 -23.67 -35.51 8.59
N GLY C 98 -23.79 -34.80 9.70
CA GLY C 98 -23.39 -35.31 11.00
C GLY C 98 -22.53 -34.39 11.85
N GLU C 99 -22.00 -33.29 11.29
CA GLU C 99 -21.26 -32.31 12.10
C GLU C 99 -21.89 -30.90 11.92
N ASP C 100 -21.39 -30.03 11.00
CA ASP C 100 -22.03 -28.73 10.74
C ASP C 100 -23.47 -28.87 10.32
N CYS C 101 -23.79 -29.96 9.59
CA CYS C 101 -25.12 -30.26 9.11
C CYS C 101 -25.62 -31.50 9.83
N PRO C 102 -26.06 -31.31 11.08
CA PRO C 102 -26.36 -32.47 11.91
C PRO C 102 -27.61 -33.22 11.51
N VAL C 103 -27.70 -34.44 12.03
CA VAL C 103 -28.93 -35.21 12.02
C VAL C 103 -29.71 -34.69 13.23
N PHE C 104 -30.92 -34.22 12.99
CA PHE C 104 -31.83 -33.85 14.05
C PHE C 104 -33.22 -34.47 13.75
N ASP C 105 -34.06 -34.59 14.80
CA ASP C 105 -35.42 -35.10 14.65
C ASP C 105 -36.22 -34.15 13.72
N GLY C 106 -36.90 -34.74 12.76
CA GLY C 106 -37.69 -33.99 11.80
C GLY C 106 -36.87 -33.26 10.74
N LEU C 107 -35.57 -33.63 10.54
CA LEU C 107 -34.69 -33.02 9.54
C LEU C 107 -35.36 -32.93 8.15
N PHE C 108 -35.92 -34.04 7.69
CA PHE C 108 -36.52 -34.09 6.38
C PHE C 108 -37.76 -33.21 6.26
N GLU C 109 -38.64 -33.20 7.27
CA GLU C 109 -39.81 -32.31 7.25
C GLU C 109 -39.41 -30.85 7.23
N PHE C 110 -38.37 -30.47 8.00
CA PHE C 110 -37.83 -29.11 7.92
C PHE C 110 -37.40 -28.76 6.46
N CYS C 111 -36.69 -29.66 5.80
CA CYS C 111 -36.33 -29.54 4.38
C CYS C 111 -37.58 -29.36 3.51
N GLN C 112 -38.61 -30.21 3.71
CA GLN C 112 -39.87 -30.12 2.98
C GLN C 112 -40.60 -28.80 3.14
N LEU C 113 -40.60 -28.23 4.34
CA LEU C 113 -41.35 -27.00 4.60
C LEU C 113 -40.57 -25.77 4.16
N SER C 114 -39.25 -25.76 4.40
CA SER C 114 -38.35 -24.76 3.86
C SER C 114 -38.46 -24.69 2.32
N THR C 115 -38.38 -25.87 1.64
CA THR C 115 -38.44 -25.97 0.19
C THR C 115 -39.82 -25.64 -0.32
N GLY C 116 -40.84 -26.17 0.35
CA GLY C 116 -42.24 -25.96 -0.02
C GLY C 116 -42.59 -24.51 -0.20
N GLY C 117 -42.19 -23.67 0.77
CA GLY C 117 -42.44 -22.24 0.70
C GLY C 117 -41.85 -21.57 -0.51
N SER C 118 -40.64 -21.94 -0.88
CA SER C 118 -39.95 -21.30 -2.00
C SER C 118 -40.55 -21.70 -3.32
N VAL C 119 -40.87 -22.98 -3.47
CA VAL C 119 -41.50 -23.51 -4.67
C VAL C 119 -42.93 -23.02 -4.82
N ALA C 120 -43.71 -22.98 -3.72
CA ALA C 120 -45.06 -22.41 -3.75
C ALA C 120 -45.03 -20.94 -4.14
N GLY C 121 -44.04 -20.21 -3.63
CA GLY C 121 -43.84 -18.81 -3.98
C GLY C 121 -43.57 -18.64 -5.47
N ALA C 122 -42.67 -19.45 -6.01
CA ALA C 122 -42.36 -19.45 -7.44
C ALA C 122 -43.57 -19.77 -8.31
N VAL C 123 -44.39 -20.77 -7.91
CA VAL C 123 -45.63 -21.11 -8.65
C VAL C 123 -46.58 -19.90 -8.68
N LYS C 124 -46.76 -19.26 -7.56
CA LYS C 124 -47.69 -18.13 -7.44
C LYS C 124 -47.23 -16.95 -8.35
N LEU C 125 -45.91 -16.74 -8.44
CA LEU C 125 -45.34 -15.73 -9.35
C LEU C 125 -45.54 -16.12 -10.83
N ASN C 126 -45.28 -17.38 -11.16
CA ASN C 126 -45.56 -17.92 -12.49
C ASN C 126 -47.01 -17.76 -12.95
N ARG C 127 -47.97 -18.04 -12.06
CA ARG C 127 -49.39 -17.87 -12.34
C ARG C 127 -49.83 -16.40 -12.36
N GLN C 128 -48.90 -15.45 -12.14
CA GLN C 128 -49.21 -14.03 -12.07
C GLN C 128 -50.31 -13.73 -11.06
N GLN C 129 -50.38 -14.53 -9.98
CA GLN C 129 -51.29 -14.29 -8.86
C GLN C 129 -50.65 -13.43 -7.76
N THR C 130 -49.37 -13.04 -7.91
CA THR C 130 -48.69 -12.12 -6.98
C THR C 130 -47.56 -11.43 -7.67
N ASP C 131 -47.14 -10.29 -7.11
CA ASP C 131 -45.95 -9.56 -7.56
C ASP C 131 -44.70 -9.97 -6.80
N MET C 132 -44.86 -10.22 -5.50
CA MET C 132 -43.84 -10.70 -4.62
C MET C 132 -44.33 -11.88 -3.81
N ALA C 133 -43.41 -12.82 -3.56
CA ALA C 133 -43.60 -13.93 -2.64
C ALA C 133 -42.44 -13.93 -1.66
N VAL C 134 -42.75 -14.29 -0.42
CA VAL C 134 -41.82 -14.28 0.69
C VAL C 134 -41.78 -15.61 1.42
N ASN C 135 -40.56 -16.15 1.60
CA ASN C 135 -40.33 -17.37 2.36
C ASN C 135 -39.08 -17.21 3.22
N TRP C 136 -39.28 -16.74 4.47
CA TRP C 136 -38.14 -16.53 5.35
C TRP C 136 -37.52 -17.82 5.87
N ALA C 137 -38.22 -18.97 5.76
CA ALA C 137 -37.65 -20.32 6.01
C ALA C 137 -36.74 -20.86 4.89
N GLY C 138 -36.71 -20.19 3.75
CA GLY C 138 -35.89 -20.56 2.61
C GLY C 138 -34.56 -19.85 2.59
N GLY C 139 -33.91 -19.93 1.44
CA GLY C 139 -32.63 -19.27 1.20
C GLY C 139 -31.43 -20.14 1.52
N LEU C 140 -31.61 -21.49 1.41
CA LEU C 140 -30.59 -22.42 1.90
C LEU C 140 -29.54 -22.65 0.80
N HIS C 141 -28.65 -21.62 0.59
CA HIS C 141 -27.85 -21.45 -0.65
C HIS C 141 -26.67 -22.38 -0.81
N HIS C 142 -26.28 -23.04 0.29
CA HIS C 142 -25.10 -23.88 0.25
C HIS C 142 -25.36 -25.32 -0.18
N ALA C 143 -26.61 -25.81 -0.10
CA ALA C 143 -26.89 -27.22 -0.46
C ALA C 143 -26.57 -27.58 -1.91
N LYS C 144 -25.86 -28.72 -2.07
CA LYS C 144 -25.42 -29.20 -3.38
C LYS C 144 -26.26 -30.43 -3.80
N LYS C 145 -26.11 -30.86 -5.05
CA LYS C 145 -26.86 -32.00 -5.64
C LYS C 145 -26.88 -33.24 -4.74
N SER C 146 -25.72 -33.62 -4.21
CA SER C 146 -25.54 -34.83 -3.42
CA SER C 146 -25.53 -34.82 -3.42
C SER C 146 -24.73 -34.53 -2.17
N GLU C 147 -24.85 -33.32 -1.60
CA GLU C 147 -24.09 -32.98 -0.39
C GLU C 147 -24.77 -31.84 0.39
N ALA C 148 -25.01 -32.06 1.69
CA ALA C 148 -25.31 -31.02 2.65
C ALA C 148 -24.10 -30.11 2.85
N SER C 149 -24.34 -28.84 3.15
CA SER C 149 -23.26 -27.91 3.38
C SER C 149 -23.77 -26.68 4.13
N GLY C 150 -22.97 -26.15 5.06
CA GLY C 150 -23.25 -24.87 5.71
C GLY C 150 -24.64 -24.75 6.30
N PHE C 151 -25.05 -25.81 7.03
CA PHE C 151 -26.34 -25.90 7.71
C PHE C 151 -27.53 -26.15 6.73
N CYS C 152 -27.26 -26.31 5.41
CA CYS C 152 -28.21 -26.47 4.33
C CYS C 152 -28.20 -27.90 3.87
N TYR C 153 -29.38 -28.49 3.67
CA TYR C 153 -29.49 -29.85 3.16
C TYR C 153 -30.13 -29.89 1.78
N VAL C 154 -31.23 -29.11 1.58
CA VAL C 154 -31.98 -29.10 0.32
C VAL C 154 -31.97 -27.66 -0.14
N ASN C 155 -31.62 -27.47 -1.43
CA ASN C 155 -31.49 -26.15 -1.98
C ASN C 155 -32.82 -25.73 -2.55
N ASP C 156 -33.67 -25.17 -1.68
CA ASP C 156 -34.99 -24.60 -2.02
C ASP C 156 -34.91 -23.48 -3.11
N ILE C 157 -33.75 -22.79 -3.16
CA ILE C 157 -33.55 -21.68 -4.04
C ILE C 157 -33.45 -22.24 -5.46
N VAL C 158 -32.60 -23.24 -5.67
CA VAL C 158 -32.40 -23.83 -7.00
C VAL C 158 -33.71 -24.44 -7.48
N LEU C 159 -34.42 -25.15 -6.58
CA LEU C 159 -35.73 -25.73 -6.88
C LEU C 159 -36.83 -24.69 -7.20
N ALA C 160 -36.83 -23.51 -6.54
CA ALA C 160 -37.70 -22.38 -6.89
C ALA C 160 -37.31 -21.76 -8.24
N ILE C 161 -36.02 -21.63 -8.51
CA ILE C 161 -35.57 -21.02 -9.76
C ILE C 161 -35.93 -21.95 -10.92
N LEU C 162 -35.70 -23.27 -10.78
CA LEU C 162 -36.15 -24.24 -11.79
C LEU C 162 -37.66 -24.12 -12.09
N GLU C 163 -38.49 -23.85 -11.05
CA GLU C 163 -39.93 -23.61 -11.23
C GLU C 163 -40.13 -22.34 -12.08
N LEU C 164 -39.46 -21.24 -11.69
CA LEU C 164 -39.51 -19.99 -12.42
C LEU C 164 -39.10 -20.15 -13.88
N LEU C 165 -38.10 -20.95 -14.16
CA LEU C 165 -37.60 -21.16 -15.52
C LEU C 165 -38.60 -21.86 -16.46
N LYS C 166 -39.71 -22.42 -15.94
CA LYS C 166 -40.78 -22.91 -16.78
C LYS C 166 -41.51 -21.74 -17.51
N TYR C 167 -41.55 -20.56 -16.88
CA TYR C 167 -42.30 -19.38 -17.33
C TYR C 167 -41.45 -18.13 -17.63
N HIS C 168 -40.16 -18.15 -17.27
CA HIS C 168 -39.27 -17.00 -17.33
C HIS C 168 -38.00 -17.48 -18.07
N GLN C 169 -37.65 -16.85 -19.26
CA GLN C 169 -36.45 -17.15 -20.06
C GLN C 169 -35.16 -16.87 -19.28
N ARG C 170 -35.13 -15.76 -18.52
CA ARG C 170 -33.97 -15.33 -17.74
C ARG C 170 -34.39 -14.99 -16.32
N VAL C 171 -33.75 -15.67 -15.33
CA VAL C 171 -33.95 -15.42 -13.90
C VAL C 171 -32.69 -14.90 -13.24
N LEU C 172 -32.80 -13.78 -12.50
CA LEU C 172 -31.70 -13.19 -11.77
C LEU C 172 -31.76 -13.55 -10.27
N TYR C 173 -30.66 -14.11 -9.75
CA TYR C 173 -30.53 -14.43 -8.34
C TYR C 173 -29.51 -13.47 -7.70
N ILE C 174 -29.85 -12.90 -6.55
CA ILE C 174 -29.01 -11.93 -5.84
C ILE C 174 -28.90 -12.43 -4.41
N ASP C 175 -27.67 -12.48 -3.89
CA ASP C 175 -27.35 -13.07 -2.61
C ASP C 175 -26.68 -12.01 -1.74
N ILE C 176 -27.38 -11.53 -0.71
CA ILE C 176 -26.81 -10.54 0.23
C ILE C 176 -26.54 -11.13 1.60
N ASP C 177 -26.75 -12.44 1.80
CA ASP C 177 -26.11 -13.21 2.88
C ASP C 177 -24.59 -12.92 2.92
N ILE C 178 -23.98 -12.92 4.11
CA ILE C 178 -22.54 -12.68 4.19
C ILE C 178 -21.71 -13.80 3.51
N HIS C 179 -22.29 -14.99 3.37
CA HIS C 179 -21.61 -16.08 2.74
C HIS C 179 -21.93 -16.11 1.26
N HIS C 180 -20.95 -16.62 0.49
CA HIS C 180 -21.12 -16.81 -0.94
C HIS C 180 -22.24 -17.86 -1.24
N GLY C 181 -23.12 -17.52 -2.20
CA GLY C 181 -24.20 -18.36 -2.71
C GLY C 181 -23.73 -19.49 -3.62
N ASP C 182 -22.85 -20.34 -3.10
CA ASP C 182 -22.10 -21.30 -3.90
C ASP C 182 -22.94 -22.40 -4.50
N GLY C 183 -23.94 -22.89 -3.78
CA GLY C 183 -24.81 -23.95 -4.27
C GLY C 183 -25.68 -23.52 -5.43
N VAL C 184 -26.13 -22.27 -5.38
CA VAL C 184 -26.96 -21.69 -6.43
C VAL C 184 -26.10 -21.41 -7.65
N GLU C 185 -24.93 -20.79 -7.42
CA GLU C 185 -23.97 -20.53 -8.48
C GLU C 185 -23.59 -21.82 -9.23
N GLU C 186 -23.30 -22.90 -8.46
CA GLU C 186 -22.88 -24.15 -9.02
C GLU C 186 -23.98 -24.76 -9.89
N ALA C 187 -25.19 -24.84 -9.39
CA ALA C 187 -26.35 -25.31 -10.15
C ALA C 187 -26.47 -24.65 -11.53
N PHE C 188 -26.28 -23.31 -11.57
CA PHE C 188 -26.53 -22.57 -12.80
C PHE C 188 -25.27 -22.02 -13.45
N TYR C 189 -24.12 -22.65 -13.19
CA TYR C 189 -22.86 -22.11 -13.62
C TYR C 189 -22.65 -22.12 -15.14
N THR C 190 -23.26 -23.09 -15.83
CA THR C 190 -23.06 -23.20 -17.28
C THR C 190 -24.28 -22.75 -18.07
N THR C 191 -25.21 -22.01 -17.47
CA THR C 191 -26.37 -21.49 -18.21
C THR C 191 -26.43 -19.98 -18.12
N ASP C 192 -26.83 -19.37 -19.22
CA ASP C 192 -27.16 -17.95 -19.28
C ASP C 192 -28.65 -17.68 -18.88
N ARG C 193 -29.44 -18.71 -18.62
CA ARG C 193 -30.82 -18.54 -18.18
C ARG C 193 -30.97 -18.21 -16.69
N VAL C 194 -29.92 -18.37 -15.88
CA VAL C 194 -29.86 -17.81 -14.54
C VAL C 194 -28.54 -17.09 -14.41
N MET C 195 -28.59 -15.81 -13.98
CA MET C 195 -27.45 -15.06 -13.59
C MET C 195 -27.45 -15.03 -12.06
N THR C 196 -26.35 -15.38 -11.47
CA THR C 196 -26.23 -15.40 -10.02
C THR C 196 -25.30 -14.25 -9.66
N VAL C 197 -25.71 -13.43 -8.68
CA VAL C 197 -24.93 -12.30 -8.20
C VAL C 197 -24.82 -12.43 -6.72
N SER C 198 -23.62 -12.58 -6.20
CA SER C 198 -23.40 -12.69 -4.76
C SER C 198 -22.39 -11.68 -4.24
N PHE C 199 -22.73 -11.06 -3.12
CA PHE C 199 -21.86 -10.23 -2.32
C PHE C 199 -21.59 -11.00 -1.05
N HIS C 200 -20.33 -11.02 -0.64
CA HIS C 200 -19.94 -11.92 0.46
C HIS C 200 -18.55 -11.60 0.98
N LYS C 201 -18.35 -11.89 2.28
CA LYS C 201 -17.04 -11.98 2.91
C LYS C 201 -16.20 -13.07 2.20
N TYR C 202 -14.98 -12.70 1.81
CA TYR C 202 -14.10 -13.60 1.07
C TYR C 202 -12.73 -13.51 1.67
N GLY C 203 -12.13 -14.64 1.94
CA GLY C 203 -10.81 -14.73 2.57
C GLY C 203 -10.89 -15.38 3.94
N GLU C 204 -10.41 -16.61 4.05
CA GLU C 204 -10.38 -17.33 5.35
C GLU C 204 -11.79 -17.44 5.92
N TYR C 205 -12.76 -17.81 5.03
CA TYR C 205 -14.16 -17.72 5.39
C TYR C 205 -14.97 -18.71 4.55
N PHE C 206 -15.90 -19.38 5.21
CA PHE C 206 -16.79 -20.33 4.58
C PHE C 206 -17.60 -19.65 3.44
N PRO C 207 -17.89 -20.33 2.30
CA PRO C 207 -17.38 -21.64 1.84
C PRO C 207 -16.00 -21.68 1.17
N GLY C 208 -15.32 -20.56 1.04
CA GLY C 208 -14.02 -20.54 0.35
C GLY C 208 -14.08 -20.26 -1.15
N THR C 209 -15.29 -20.06 -1.67
CA THR C 209 -15.56 -19.85 -3.09
C THR C 209 -16.06 -18.39 -3.33
N GLY C 210 -16.45 -18.10 -4.56
CA GLY C 210 -17.00 -16.82 -4.94
C GLY C 210 -15.93 -15.80 -5.17
N ASP C 211 -14.80 -16.26 -5.73
CA ASP C 211 -13.70 -15.40 -6.13
C ASP C 211 -14.20 -14.47 -7.23
N LEU C 212 -13.64 -13.27 -7.29
CA LEU C 212 -13.79 -12.30 -8.41
C LEU C 212 -13.74 -12.97 -9.79
N ARG C 213 -12.78 -13.82 -9.98
CA ARG C 213 -12.52 -14.49 -11.23
C ARG C 213 -13.50 -15.63 -11.56
N ASP C 214 -14.42 -15.99 -10.66
CA ASP C 214 -15.46 -16.98 -10.94
C ASP C 214 -16.64 -16.35 -11.65
N ILE C 215 -16.68 -16.52 -12.96
CA ILE C 215 -17.62 -15.79 -13.78
C ILE C 215 -18.60 -16.68 -14.55
N GLY C 216 -18.62 -17.99 -14.30
CA GLY C 216 -19.40 -18.92 -15.11
C GLY C 216 -18.56 -19.63 -16.15
N ALA C 217 -19.14 -20.64 -16.77
CA ALA C 217 -18.47 -21.43 -17.82
C ALA C 217 -19.44 -21.77 -18.96
N GLY C 218 -18.95 -21.99 -20.15
CA GLY C 218 -19.77 -22.36 -21.29
C GLY C 218 -20.73 -21.24 -21.65
N LYS C 219 -22.00 -21.58 -21.91
CA LYS C 219 -23.03 -20.55 -22.11
C LYS C 219 -23.21 -19.62 -20.90
N GLY C 220 -22.82 -20.07 -19.72
CA GLY C 220 -22.95 -19.30 -18.50
C GLY C 220 -21.78 -18.38 -18.19
N LYS C 221 -20.79 -18.31 -19.09
CA LYS C 221 -19.65 -17.43 -18.89
C LYS C 221 -20.12 -15.97 -18.95
N TYR C 222 -19.75 -15.21 -17.92
CA TYR C 222 -20.18 -13.85 -17.61
C TYR C 222 -21.56 -13.80 -16.90
N TYR C 223 -22.18 -14.96 -16.60
CA TYR C 223 -23.47 -15.01 -15.89
C TYR C 223 -23.35 -15.42 -14.43
N ALA C 224 -22.16 -15.55 -13.89
CA ALA C 224 -21.96 -15.59 -12.45
C ALA C 224 -21.15 -14.34 -12.09
N VAL C 225 -21.57 -13.61 -11.04
CA VAL C 225 -20.95 -12.39 -10.59
C VAL C 225 -20.76 -12.49 -9.10
N ASN C 226 -19.54 -12.17 -8.64
CA ASN C 226 -19.15 -12.28 -7.27
C ASN C 226 -18.45 -10.96 -6.85
N PHE C 227 -18.89 -10.40 -5.72
CA PHE C 227 -18.23 -9.26 -5.11
C PHE C 227 -17.62 -9.74 -3.79
N PRO C 228 -16.34 -10.20 -3.83
CA PRO C 228 -15.66 -10.57 -2.58
C PRO C 228 -15.27 -9.36 -1.69
N MET C 229 -15.58 -9.43 -0.40
CA MET C 229 -15.38 -8.33 0.56
C MET C 229 -14.53 -8.80 1.76
N ARG C 230 -13.93 -7.84 2.47
CA ARG C 230 -13.33 -8.07 3.78
C ARG C 230 -14.32 -7.60 4.92
N ASP C 231 -13.93 -7.82 6.18
CA ASP C 231 -14.66 -7.39 7.38
C ASP C 231 -15.10 -5.92 7.37
N GLY C 232 -16.22 -5.62 8.03
CA GLY C 232 -16.57 -4.30 8.53
C GLY C 232 -17.22 -3.39 7.52
N ILE C 233 -17.60 -3.87 6.33
CA ILE C 233 -18.31 -3.04 5.34
C ILE C 233 -19.59 -2.52 5.97
N ASP C 234 -19.91 -1.28 5.70
CA ASP C 234 -20.99 -0.51 6.32
C ASP C 234 -22.07 -0.15 5.30
N ASP C 235 -23.15 0.52 5.76
CA ASP C 235 -24.31 0.82 4.90
C ASP C 235 -23.90 1.65 3.71
N GLU C 236 -23.06 2.67 3.94
CA GLU C 236 -22.63 3.55 2.88
C GLU C 236 -21.83 2.83 1.78
N SER C 237 -20.82 2.03 2.18
CA SER C 237 -19.93 1.32 1.28
C SER C 237 -20.68 0.23 0.53
N TYR C 238 -21.59 -0.47 1.22
CA TYR C 238 -22.39 -1.51 0.59
C TYR C 238 -23.35 -0.89 -0.42
N GLY C 239 -24.05 0.14 -0.03
CA GLY C 239 -24.97 0.85 -0.94
C GLY C 239 -24.28 1.37 -2.20
N GLN C 240 -23.11 2.00 -2.04
CA GLN C 240 -22.37 2.61 -3.14
C GLN C 240 -21.96 1.59 -4.20
N ILE C 241 -21.91 0.29 -3.90
CA ILE C 241 -21.67 -0.74 -4.90
C ILE C 241 -22.93 -1.57 -5.25
N PHE C 242 -23.89 -1.79 -4.32
CA PHE C 242 -25.06 -2.65 -4.60
C PHE C 242 -25.93 -2.04 -5.72
N LYS C 243 -26.31 -0.76 -5.60
CA LYS C 243 -27.16 -0.15 -6.62
C LYS C 243 -26.45 -0.05 -8.00
N PRO C 244 -25.20 0.46 -8.13
CA PRO C 244 -24.56 0.46 -9.46
C PRO C 244 -24.46 -0.90 -10.10
N ILE C 245 -24.15 -1.94 -9.31
CA ILE C 245 -23.94 -3.28 -9.84
C ILE C 245 -25.26 -3.87 -10.31
N ILE C 246 -26.30 -3.78 -9.47
CA ILE C 246 -27.60 -4.37 -9.79
C ILE C 246 -28.25 -3.62 -10.93
N SER C 247 -28.14 -2.28 -10.96
CA SER C 247 -28.62 -1.52 -12.10
C SER C 247 -27.98 -1.97 -13.42
N LYS C 248 -26.64 -2.18 -13.43
CA LYS C 248 -25.93 -2.61 -14.65
C LYS C 248 -26.31 -4.05 -15.00
N VAL C 249 -26.43 -4.93 -14.00
CA VAL C 249 -26.94 -6.31 -14.21
C VAL C 249 -28.34 -6.27 -14.87
N MET C 250 -29.25 -5.47 -14.33
CA MET C 250 -30.60 -5.38 -14.87
C MET C 250 -30.60 -4.91 -16.33
N GLU C 251 -29.78 -3.87 -16.61
CA GLU C 251 -29.65 -3.27 -17.94
C GLU C 251 -29.18 -4.32 -18.93
N MET C 252 -28.12 -5.03 -18.57
CA MET C 252 -27.45 -5.95 -19.48
C MET C 252 -28.21 -7.27 -19.57
N TYR C 253 -28.65 -7.81 -18.43
CA TYR C 253 -29.26 -9.15 -18.39
C TYR C 253 -30.76 -9.17 -18.66
N GLN C 254 -31.49 -8.12 -18.26
CA GLN C 254 -32.93 -8.03 -18.52
C GLN C 254 -33.69 -9.27 -18.08
N PRO C 255 -33.60 -9.62 -16.78
CA PRO C 255 -34.37 -10.76 -16.28
C PRO C 255 -35.87 -10.45 -16.27
N SER C 256 -36.71 -11.49 -16.35
CA SER C 256 -38.15 -11.34 -16.16
C SER C 256 -38.63 -11.76 -14.78
N ALA C 257 -37.74 -12.37 -13.94
CA ALA C 257 -38.05 -12.69 -12.56
C ALA C 257 -36.75 -12.61 -11.74
N VAL C 258 -36.90 -12.29 -10.45
CA VAL C 258 -35.79 -12.08 -9.53
C VAL C 258 -36.02 -12.91 -8.28
N VAL C 259 -34.95 -13.58 -7.77
CA VAL C 259 -34.89 -14.23 -6.47
C VAL C 259 -33.85 -13.48 -5.65
N LEU C 260 -34.21 -12.99 -4.45
CA LEU C 260 -33.31 -12.24 -3.57
C LEU C 260 -33.21 -13.01 -2.26
N GLN C 261 -32.00 -13.54 -1.98
CA GLN C 261 -31.71 -14.22 -0.74
C GLN C 261 -31.26 -13.08 0.23
N CYS C 262 -31.97 -12.98 1.37
CA CYS C 262 -31.84 -11.85 2.29
C CYS C 262 -31.20 -12.29 3.57
N GLY C 263 -30.20 -13.16 3.51
CA GLY C 263 -29.53 -13.66 4.71
C GLY C 263 -29.08 -12.52 5.60
N ALA C 264 -29.50 -12.55 6.88
CA ALA C 264 -29.32 -11.45 7.81
C ALA C 264 -28.00 -11.57 8.61
N ASP C 265 -27.10 -12.51 8.22
CA ASP C 265 -25.78 -12.59 8.85
C ASP C 265 -24.76 -11.54 8.33
N SER C 266 -25.17 -10.71 7.36
CA SER C 266 -24.48 -9.50 6.90
C SER C 266 -24.78 -8.27 7.78
N LEU C 267 -25.62 -8.41 8.81
CA LEU C 267 -25.86 -7.36 9.77
C LEU C 267 -24.74 -7.26 10.80
N SER C 268 -24.51 -6.00 11.24
CA SER C 268 -23.72 -5.64 12.42
C SER C 268 -24.15 -6.49 13.64
N GLY C 269 -23.16 -7.05 14.32
CA GLY C 269 -23.37 -7.79 15.56
C GLY C 269 -23.90 -9.18 15.38
N ASP C 270 -23.79 -9.74 14.17
CA ASP C 270 -24.14 -11.12 13.96
C ASP C 270 -23.11 -12.03 14.64
N ARG C 271 -23.60 -13.11 15.27
CA ARG C 271 -22.73 -14.00 16.02
C ARG C 271 -21.63 -14.60 15.16
N LEU C 272 -21.94 -14.94 13.87
CA LEU C 272 -20.97 -15.54 12.97
C LEU C 272 -20.45 -14.62 11.91
N GLY C 273 -21.13 -13.53 11.61
CA GLY C 273 -20.70 -12.60 10.59
C GLY C 273 -19.79 -11.50 11.10
N CYS C 274 -19.15 -10.82 10.14
N CYS C 274 -19.15 -10.81 10.16
CA CYS C 274 -18.12 -9.81 10.39
CA CYS C 274 -18.15 -9.79 10.44
C CYS C 274 -18.40 -8.51 9.61
C CYS C 274 -18.40 -8.51 9.60
N PHE C 275 -19.65 -8.26 9.18
CA PHE C 275 -20.03 -7.05 8.44
C PHE C 275 -20.62 -6.03 9.46
N ASN C 276 -20.91 -4.82 8.97
CA ASN C 276 -21.41 -3.75 9.81
C ASN C 276 -22.64 -3.03 9.25
N LEU C 277 -23.53 -3.78 8.62
CA LEU C 277 -24.75 -3.22 8.07
C LEU C 277 -25.81 -3.08 9.14
N THR C 278 -26.64 -2.05 9.02
CA THR C 278 -27.85 -1.94 9.83
C THR C 278 -29.01 -2.62 9.08
N VAL C 279 -30.17 -2.73 9.72
CA VAL C 279 -31.37 -3.24 9.09
C VAL C 279 -31.77 -2.33 7.92
N LYS C 280 -31.59 -0.98 8.02
CA LYS C 280 -31.88 -0.10 6.90
C LYS C 280 -30.92 -0.33 5.76
N GLY C 281 -29.64 -0.50 6.06
CA GLY C 281 -28.65 -0.80 5.03
C GLY C 281 -28.93 -2.11 4.32
N HIS C 282 -29.29 -3.14 5.05
CA HIS C 282 -29.66 -4.44 4.50
C HIS C 282 -30.90 -4.26 3.60
N ALA C 283 -31.95 -3.65 4.14
CA ALA C 283 -33.25 -3.51 3.47
C ALA C 283 -33.21 -2.61 2.26
N LYS C 284 -32.25 -1.71 2.16
CA LYS C 284 -32.07 -0.86 1.00
C LYS C 284 -31.84 -1.71 -0.26
N CYS C 285 -31.26 -2.90 -0.13
CA CYS C 285 -31.09 -3.88 -1.20
C CYS C 285 -32.46 -4.33 -1.73
N VAL C 286 -33.41 -4.61 -0.83
CA VAL C 286 -34.78 -4.98 -1.19
C VAL C 286 -35.43 -3.80 -1.94
N GLU C 287 -35.30 -2.58 -1.41
CA GLU C 287 -35.81 -1.38 -2.08
C GLU C 287 -35.22 -1.21 -3.49
N VAL C 288 -33.89 -1.31 -3.64
CA VAL C 288 -33.24 -1.23 -4.96
C VAL C 288 -33.81 -2.27 -5.93
N VAL C 289 -33.89 -3.53 -5.50
CA VAL C 289 -34.41 -4.61 -6.38
C VAL C 289 -35.89 -4.35 -6.74
N LYS C 290 -36.73 -3.90 -5.77
CA LYS C 290 -38.12 -3.53 -6.04
C LYS C 290 -38.29 -2.45 -7.15
N THR C 291 -37.34 -1.50 -7.28
CA THR C 291 -37.57 -0.41 -8.25
C THR C 291 -37.69 -0.95 -9.70
N PHE C 292 -37.14 -2.15 -9.99
CA PHE C 292 -37.21 -2.71 -11.35
C PHE C 292 -38.56 -3.31 -11.71
N ASN C 293 -39.49 -3.46 -10.75
CA ASN C 293 -40.86 -3.90 -10.98
C ASN C 293 -40.92 -5.25 -11.66
N LEU C 294 -40.12 -6.20 -11.20
CA LEU C 294 -40.11 -7.56 -11.72
C LEU C 294 -40.68 -8.49 -10.70
N PRO C 295 -41.34 -9.59 -11.11
CA PRO C 295 -41.74 -10.65 -10.14
C PRO C 295 -40.56 -11.02 -9.23
N LEU C 296 -40.78 -11.02 -7.92
CA LEU C 296 -39.69 -11.11 -6.97
C LEU C 296 -40.01 -12.14 -5.88
N LEU C 297 -39.14 -13.13 -5.72
CA LEU C 297 -39.18 -14.08 -4.62
C LEU C 297 -38.12 -13.67 -3.62
N MET C 298 -38.54 -13.30 -2.40
CA MET C 298 -37.65 -12.98 -1.29
C MET C 298 -37.53 -14.15 -0.32
N LEU C 299 -36.29 -14.59 -0.09
CA LEU C 299 -35.98 -15.73 0.76
C LEU C 299 -35.15 -15.30 1.96
N GLY C 300 -35.16 -16.15 2.98
CA GLY C 300 -34.27 -15.95 4.12
C GLY C 300 -32.85 -16.40 3.83
N GLY C 301 -32.22 -16.95 4.84
CA GLY C 301 -30.79 -17.29 4.76
C GLY C 301 -30.22 -17.41 6.15
N GLY C 302 -28.93 -17.11 6.27
CA GLY C 302 -28.28 -17.08 7.56
C GLY C 302 -28.79 -15.93 8.41
N GLY C 303 -28.16 -15.79 9.59
CA GLY C 303 -28.49 -14.84 10.62
C GLY C 303 -28.57 -15.51 11.99
N TYR C 304 -27.73 -15.05 12.93
CA TYR C 304 -27.38 -15.76 14.16
C TYR C 304 -27.52 -14.93 15.43
N THR C 305 -27.71 -13.61 15.33
CA THR C 305 -28.24 -12.79 16.45
C THR C 305 -29.74 -12.67 16.19
N ILE C 306 -30.55 -13.49 16.86
CA ILE C 306 -31.87 -13.82 16.33
C ILE C 306 -32.87 -12.65 16.53
N ARG C 307 -32.67 -11.80 17.58
CA ARG C 307 -33.40 -10.54 17.66
C ARG C 307 -33.17 -9.64 16.43
N ASN C 308 -31.94 -9.59 15.89
CA ASN C 308 -31.68 -8.78 14.70
C ASN C 308 -32.21 -9.40 13.40
N VAL C 309 -32.21 -10.72 13.33
CA VAL C 309 -32.84 -11.45 12.24
C VAL C 309 -34.34 -11.12 12.14
N ALA C 310 -35.06 -11.20 13.28
CA ALA C 310 -36.49 -10.87 13.33
C ALA C 310 -36.76 -9.40 12.97
N ARG C 311 -35.90 -8.48 13.44
CA ARG C 311 -36.02 -7.08 13.07
C ARG C 311 -35.86 -6.89 11.54
N CYS C 312 -34.83 -7.54 10.98
CA CYS C 312 -34.44 -7.37 9.59
C CYS C 312 -35.51 -7.84 8.65
N TRP C 313 -36.01 -9.07 8.90
CA TRP C 313 -36.99 -9.65 7.99
C TRP C 313 -38.37 -9.07 8.19
N THR C 314 -38.70 -8.57 9.40
CA THR C 314 -39.93 -7.78 9.59
C THR C 314 -39.87 -6.51 8.76
N TYR C 315 -38.78 -5.73 8.86
CA TYR C 315 -38.67 -4.49 8.11
C TYR C 315 -38.70 -4.73 6.61
N GLU C 316 -38.10 -5.81 6.14
CA GLU C 316 -38.06 -6.13 4.71
C GLU C 316 -39.42 -6.65 4.19
N THR C 317 -40.25 -7.22 5.08
CA THR C 317 -41.66 -7.49 4.74
C THR C 317 -42.38 -6.17 4.59
N ALA C 318 -42.19 -5.23 5.51
CA ALA C 318 -42.76 -3.89 5.41
C ALA C 318 -42.33 -3.18 4.10
N VAL C 319 -41.04 -3.27 3.74
CA VAL C 319 -40.53 -2.72 2.50
C VAL C 319 -41.24 -3.37 1.30
N ALA C 320 -41.34 -4.71 1.24
CA ALA C 320 -42.11 -5.41 0.21
C ALA C 320 -43.55 -4.89 0.12
N LEU C 321 -44.17 -4.60 1.29
CA LEU C 321 -45.54 -4.07 1.41
C LEU C 321 -45.66 -2.57 1.15
N ASP C 322 -44.53 -1.84 1.08
CA ASP C 322 -44.52 -0.38 0.97
C ASP C 322 -45.25 0.23 2.15
N CYS C 323 -44.94 -0.28 3.33
CA CYS C 323 -45.66 0.07 4.54
C CYS C 323 -44.61 0.54 5.54
N GLU C 324 -44.72 1.79 5.95
CA GLU C 324 -43.84 2.35 7.00
C GLU C 324 -44.23 1.72 8.30
N ILE C 325 -43.26 1.28 9.12
CA ILE C 325 -43.60 0.79 10.46
C ILE C 325 -42.81 1.57 11.47
N PRO C 326 -43.38 1.83 12.66
CA PRO C 326 -42.63 2.58 13.67
C PRO C 326 -41.39 1.87 14.20
N ASN C 327 -40.41 2.66 14.63
CA ASN C 327 -39.23 2.14 15.29
C ASN C 327 -39.58 1.53 16.63
N GLU C 328 -40.62 2.04 17.31
CA GLU C 328 -41.12 1.51 18.56
C GLU C 328 -41.68 0.17 18.28
N LEU C 329 -41.01 -0.89 18.77
CA LEU C 329 -41.52 -2.24 18.56
C LEU C 329 -42.85 -2.43 19.27
N PRO C 330 -43.80 -3.11 18.60
CA PRO C 330 -45.04 -3.44 19.28
C PRO C 330 -44.78 -4.56 20.26
N TYR C 331 -45.66 -4.70 21.24
CA TYR C 331 -45.66 -5.84 22.12
C TYR C 331 -45.81 -7.15 21.30
N ASN C 332 -45.22 -8.26 21.77
CA ASN C 332 -45.21 -9.51 21.02
C ASN C 332 -44.74 -10.66 21.93
N ASP C 333 -44.89 -11.90 21.48
CA ASP C 333 -44.54 -13.06 22.29
C ASP C 333 -43.07 -13.12 22.70
N TYR C 334 -42.20 -12.32 22.06
CA TYR C 334 -40.74 -12.38 22.27
C TYR C 334 -40.18 -11.03 22.63
N PHE C 335 -41.00 -10.14 23.18
CA PHE C 335 -40.68 -8.73 23.37
C PHE C 335 -39.37 -8.53 24.16
N GLU C 336 -39.14 -9.35 25.22
CA GLU C 336 -37.91 -9.31 26.04
C GLU C 336 -36.63 -9.59 25.27
N TYR C 337 -36.71 -10.28 24.14
CA TYR C 337 -35.54 -10.55 23.32
C TYR C 337 -34.97 -9.27 22.69
N PHE C 338 -35.78 -8.18 22.62
CA PHE C 338 -35.44 -6.94 21.94
C PHE C 338 -34.94 -5.82 22.86
N GLY C 339 -34.72 -6.14 24.13
CA GLY C 339 -34.07 -5.21 25.04
C GLY C 339 -32.63 -4.97 24.66
N PRO C 340 -32.01 -3.96 25.28
CA PRO C 340 -32.58 -3.05 26.29
C PRO C 340 -33.47 -1.90 25.75
N ASP C 341 -33.54 -1.61 24.42
CA ASP C 341 -34.28 -0.42 23.96
C ASP C 341 -35.60 -0.73 23.19
N PHE C 342 -35.86 -2.01 22.76
CA PHE C 342 -37.17 -2.35 22.20
C PHE C 342 -37.50 -1.54 20.94
N LYS C 343 -36.47 -1.31 20.09
CA LYS C 343 -36.60 -0.65 18.80
C LYS C 343 -36.41 -1.63 17.65
N LEU C 344 -36.95 -1.30 16.49
CA LEU C 344 -36.78 -2.12 15.29
C LEU C 344 -35.38 -1.97 14.68
N HIS C 345 -34.88 -0.74 14.62
CA HIS C 345 -33.64 -0.45 13.95
C HIS C 345 -32.45 -0.59 14.84
N ILE C 346 -31.30 -0.93 14.23
CA ILE C 346 -30.07 -1.15 14.98
C ILE C 346 -28.98 -0.15 14.58
N SER C 347 -28.02 0.03 15.45
CA SER C 347 -26.87 0.89 15.19
C SER C 347 -25.70 0.05 14.74
N PRO C 348 -24.84 0.65 13.89
CA PRO C 348 -23.60 -0.04 13.53
C PRO C 348 -22.62 0.02 14.71
N SER C 349 -21.63 -0.85 14.67
CA SER C 349 -20.55 -0.86 15.64
C SER C 349 -19.41 0.08 15.22
N ASN C 350 -18.42 0.25 16.09
CA ASN C 350 -17.21 1.03 15.80
C ASN C 350 -16.11 0.22 15.05
N MET C 351 -16.46 -0.96 14.52
CA MET C 351 -15.49 -1.82 13.90
C MET C 351 -14.96 -1.20 12.62
N THR C 352 -13.72 -1.54 12.30
CA THR C 352 -13.01 -0.99 11.16
C THR C 352 -13.59 -1.58 9.89
N ASN C 353 -13.88 -0.73 8.90
CA ASN C 353 -14.19 -1.17 7.57
C ASN C 353 -12.90 -1.57 6.85
N GLN C 354 -12.62 -2.87 6.67
CA GLN C 354 -11.40 -3.29 5.98
C GLN C 354 -11.51 -3.24 4.44
N ASN C 355 -12.63 -2.78 3.88
CA ASN C 355 -12.77 -2.60 2.45
C ASN C 355 -12.33 -1.23 2.03
N THR C 356 -11.06 -1.08 1.66
CA THR C 356 -10.54 0.24 1.33
C THR C 356 -11.25 0.76 0.06
N PRO C 357 -11.43 2.09 -0.03
CA PRO C 357 -11.99 2.67 -1.27
C PRO C 357 -11.39 2.14 -2.57
N GLU C 358 -9.99 1.96 -2.60
CA GLU C 358 -9.26 1.44 -3.78
C GLU C 358 -9.67 -0.04 -4.11
N TYR C 359 -9.81 -0.83 -3.07
CA TYR C 359 -10.38 -2.16 -3.16
C TYR C 359 -11.84 -2.18 -3.78
N MET C 360 -12.90 -1.45 -3.17
CA MET C 360 -14.31 -1.45 -3.59
CA MET C 360 -14.31 -1.46 -3.59
C MET C 360 -14.52 -0.99 -5.04
N GLU C 361 -13.90 0.12 -5.41
CA GLU C 361 -14.03 0.64 -6.78
C GLU C 361 -13.27 -0.26 -7.81
N LYS C 362 -12.06 -0.87 -7.48
CA LYS C 362 -11.32 -1.92 -8.28
C LYS C 362 -12.09 -3.23 -8.54
N ILE C 363 -12.82 -3.77 -7.53
CA ILE C 363 -13.71 -4.91 -7.77
C ILE C 363 -14.83 -4.43 -8.70
N LYS C 364 -15.53 -3.28 -8.36
CA LYS C 364 -16.65 -2.71 -9.12
C LYS C 364 -16.29 -2.57 -10.59
N GLN C 365 -15.11 -2.04 -10.87
CA GLN C 365 -14.71 -1.81 -12.25
C GLN C 365 -14.40 -3.12 -12.98
N ARG C 366 -13.79 -4.11 -12.30
CA ARG C 366 -13.62 -5.43 -12.93
C ARG C 366 -15.01 -6.08 -13.20
N LEU C 367 -15.98 -5.96 -12.28
CA LEU C 367 -17.34 -6.46 -12.52
C LEU C 367 -18.06 -5.75 -13.65
N PHE C 368 -17.96 -4.41 -13.73
CA PHE C 368 -18.45 -3.62 -14.87
C PHE C 368 -17.84 -4.04 -16.21
N GLU C 369 -16.55 -4.44 -16.25
CA GLU C 369 -15.90 -4.96 -17.46
C GLU C 369 -16.51 -6.29 -17.87
N ASN C 370 -16.74 -7.19 -16.89
CA ASN C 370 -17.38 -8.48 -17.14
C ASN C 370 -18.81 -8.31 -17.64
N LEU C 371 -19.60 -7.41 -17.04
CA LEU C 371 -20.97 -7.17 -17.50
C LEU C 371 -21.07 -6.62 -18.92
N ARG C 372 -20.09 -5.84 -19.35
CA ARG C 372 -20.05 -5.34 -20.73
C ARG C 372 -19.82 -6.47 -21.77
N MET C 373 -19.45 -7.70 -21.31
CA MET C 373 -19.31 -8.88 -22.16
C MET C 373 -20.63 -9.61 -22.44
N LEU C 374 -21.75 -9.24 -21.79
CA LEU C 374 -23.06 -9.74 -22.18
C LEU C 374 -23.47 -9.15 -23.54
N PRO C 375 -24.27 -9.87 -24.33
CA PRO C 375 -24.64 -9.35 -25.67
C PRO C 375 -25.55 -8.12 -25.63
#